data_8SIY
#
_entry.id   8SIY
#
_cell.length_a   1.00
_cell.length_b   1.00
_cell.length_c   1.00
_cell.angle_alpha   90.00
_cell.angle_beta   90.00
_cell.angle_gamma   90.00
#
_symmetry.space_group_name_H-M   'P 1'
#
loop_
_entity.id
_entity.type
_entity.pdbx_description
1 polymer 'Leucine-rich repeat and WD repeat-containing protein 1'
2 polymer 'Histone H3.2'
3 polymer 'Histone H4'
4 polymer 'Histone H2A'
5 polymer 'Histone H2B'
6 polymer 'Widom 601 DNA'
7 polymer 'Widom 601 DNA'
8 polymer 'Origin recognition complex subunit 2'
#
loop_
_entity_poly.entity_id
_entity_poly.type
_entity_poly.pdbx_seq_one_letter_code
_entity_poly.pdbx_strand_id
1 'polypeptide(L)'
;SNAMAPLTPQLLLQRGRPKTDRLGKIQSLNLSGLELLSEHLDPNLLGRLKKLKELDLSNNLLETLPANLGLSHLRILRCT
NNQLGDVTTLHQFPELEELSLEGNPFLTVSDNLKVSFLLPKLRKVNGKDTASTCSQVESLDRELTNRVTALWQKFIATVN
PEEEANKVQADFMRSAVRDVRYGPESLFEFTQWRVRMIAEELVASGGAQAHEANASVEHPQAAVGSKLRARKVTKRPDDD
EISLPPTKRVRASPPAQTEDSPMDAAGGQAALHLEPLHFLQCHSRNNSPKDLETQLWACAFEPAREEGHSGATSQTVATC
GGEAVCVIDCQTGLVLHKYKVPGEEFFSVAWTALTVATQAGHKKRWNMLAAAGLRGMVRLLHVRAGFCCSVIRAHKKAIA
TLCFSPTHETHLFTASYDKRIILWDIGVPNHDYKFQASQLLTLNCSSVPLRLCPVATCPDSFLLAGCEGGCGCWDVRLDQ
PQKQRVCEVNFVFSGDSEVSGQRVDGLAFVNEDVVASKGSGQGTIYLWSWSQTWASRGSQSVLPVVILAQLQWSPTSLAY
FSLSTCPDKNLVLCGDEEGSVWIYDVEHLLKQPPPLETTLQPPTQILKWPQPVALGQPVTKTMVNTVVANAAFTYLTALT
DSNIVSIWKTC
;
A
2 'polypeptide(L)'
;ARTKQTARKSTGGKAPRKQLATKAARKSAPATGGVKKPHRYRPGTVALREIRRYQKSTELLIRKLPFQRLVREIAQDFKT
DLRFQSSAVMALQEASEAYLVALFEDTNLCAIHAKRVTIMPKDIQLARRIRGERA
;
C,G
3 'polypeptide(L)'
;SGRGKGGKGLGKGGAKRHR(ML3)VLRDNIQGITKPAIRRLARRGGVKRISGLIYEETRGVLKVFLENVIRDAVTYTEHA
KRKTVTAMDVVYALKRQGRTLYGFGG
;
D,H
4 'polypeptide(L)'
;SGRGKQGGKTRAKAKTRSSRAGLQFPVGRVHRLLRKGNYAERVGAGAPVYLAAVLEYLTAEILELAGNAARDNKKTRIIP
RHLQLAVRNDEELNKLLGRVTIAQGGVLPNIQSVLLPKKTESAKSAKSK
;
E,I
5 'polypeptide(L)'
;AKSAPAPKKGSKKAVTKTQKKDGKKRRKTRKESYAIYVYKVLKQVHPDTGISSKAMSIMNSFVNDVFERIAGEASRLAHY
NKRSTITSREIQTAVRLLLPGELAKHAVSEGTKAVTKYTSAK
;
F,J
6 'polydeoxyribonucleotide'
;(DA)(DT)(DC)(DC)(DT)(DG)(DG)(DA)(DG)(DA)(DA)(DT)(DC)(DC)(DC)(DG)(DG)(DT)(DG)(DC)
(DC)(DG)(DA)(DG)(DG)(DC)(DC)(DG)(DC)(DT)(DC)(DA)(DA)(DT)(DT)(DG)(DG)(DT)(DC)(DG)
(DT)(DA)(DG)(DA)(DC)(DA)(DG)(DC)(DT)(DC)(DT)(DA)(DG)(DC)(DA)(DC)(DC)(DG)(DC)(DT)
(DT)(DA)(DA)(DA)(DC)(DG)(DC)(DA)(DC)(DG)(DT)(DA)(DC)(DG)(DC)(DG)(DC)(DT)(DG)(DT)
(DC)(DC)(DC)(DC)(DC)(DG)(DC)(DG)(DT)(DT)(DT)(DT)(DA)(DA)(DC)(DC)(DG)(DC)(DC)(DA)
(DA)(DG)(DG)(DG)(DG)(DA)(DT)(DT)(DA)(DC)(DT)(DC)(DC)(DC)(DT)(DA)(DG)(DT)(DC)(DT)
(DC)(DC)(DA)(DG)(DG)(DC)(DA)(DC)(DG)(DT)(DG)(DT)(DC)(DA)(DG)(DA)(DT)(DA)(DT)(DA)
(DT)(DA)(DC)(DA)(DT)(DC)(DC)(DT)(DG)(DT)(DG)(DA)(DT)
;
K
7 'polydeoxyribonucleotide'
;(DA)(DT)(DC)(DA)(DC)(DA)(DG)(DG)(DA)(DT)(DG)(DT)(DA)(DT)(DA)(DT)(DA)(DT)(DC)(DT)
(DG)(DA)(DC)(DA)(DC)(DG)(DT)(DG)(DC)(DC)(DT)(DG)(DG)(DA)(DG)(DA)(DC)(DT)(DA)(DG)
(DG)(DG)(DA)(DG)(DT)(DA)(DA)(DT)(DC)(DC)(DC)(DC)(DT)(DT)(DG)(DG)(DC)(DG)(DG)(DT)
(DT)(DA)(DA)(DA)(DA)(DC)(DG)(DC)(DG)(DG)(DG)(DG)(DG)(DA)(DC)(DA)(DG)(DC)(DG)(DC)
(DG)(DT)(DA)(DC)(DG)(DT)(DG)(DC)(DG)(DT)(DT)(DT)(DA)(DA)(DG)(DC)(DG)(DG)(DT)(DG)
(DC)(DT)(DA)(DG)(DA)(DG)(DC)(DT)(DG)(DT)(DC)(DT)(DA)(DC)(DG)(DA)(DC)(DC)(DA)(DA)
(DT)(DT)(DG)(DA)(DG)(DC)(DG)(DG)(DC)(DC)(DT)(DC)(DG)(DG)(DC)(DA)(DC)(DC)(DG)(DG)
(DG)(DA)(DT)(DT)(DC)(DT)(DC)(DC)(DA)(DG)(DG)(DA)(DT)
;
L
8 'polypeptide(L)'
;SNAMSTLRLKEAKVPSVQFVGDDDVLSHILDREGGTKLKKEKVQLLVNPQKVIKKAECELEKSDLEVLEDQNYVEVLGRN
IQESLGNGSAVDGRNKVYSFQHR
;
B
#
# COMPACT_ATOMS: atom_id res chain seq x y z
N LEU A 272 30.58 33.55 -21.13
CA LEU A 272 30.89 33.66 -19.71
C LEU A 272 31.91 32.61 -19.24
N HIS A 273 32.54 31.95 -20.21
CA HIS A 273 33.63 30.97 -19.99
C HIS A 273 33.40 30.09 -18.75
N LEU A 274 32.24 29.46 -18.72
CA LEU A 274 31.86 28.59 -17.63
C LEU A 274 32.13 27.14 -18.02
N GLU A 275 32.71 26.37 -17.11
CA GLU A 275 32.96 24.97 -17.41
C GLU A 275 32.42 24.09 -16.28
N PRO A 276 31.94 22.88 -16.61
CA PRO A 276 31.39 22.01 -15.57
C PRO A 276 32.48 21.44 -14.68
N LEU A 277 32.31 21.59 -13.36
CA LEU A 277 33.28 21.14 -12.38
C LEU A 277 32.84 19.93 -11.55
N HIS A 278 31.54 19.82 -11.17
CA HIS A 278 31.07 18.62 -10.49
C HIS A 278 29.62 18.35 -10.84
N PHE A 279 29.23 17.08 -10.72
CA PHE A 279 27.84 16.66 -10.71
C PHE A 279 27.69 15.67 -9.57
N LEU A 280 27.18 16.15 -8.43
CA LEU A 280 27.15 15.38 -7.20
C LEU A 280 25.73 14.91 -6.90
N GLN A 281 25.62 13.65 -6.47
CA GLN A 281 24.35 13.06 -6.05
C GLN A 281 24.47 12.69 -4.57
N CYS A 282 24.01 13.59 -3.69
CA CYS A 282 24.23 13.45 -2.26
C CYS A 282 22.97 13.58 -1.43
N HIS A 283 21.80 13.74 -2.05
CA HIS A 283 20.52 13.85 -1.35
C HIS A 283 19.62 12.67 -1.69
N SER A 284 20.21 11.49 -1.84
CA SER A 284 19.41 10.30 -2.16
C SER A 284 18.49 9.95 -1.00
N ARG A 285 17.29 9.49 -1.36
CA ARG A 285 16.33 9.00 -0.38
C ARG A 285 16.55 7.51 -0.16
N ASN A 286 16.55 7.09 1.10
CA ASN A 286 16.94 5.74 1.51
C ASN A 286 18.40 5.47 1.21
N ASN A 287 19.19 6.52 1.00
CA ASN A 287 20.60 6.39 0.63
C ASN A 287 20.76 5.46 -0.58
N SER A 288 19.83 5.58 -1.52
CA SER A 288 19.87 4.76 -2.73
C SER A 288 20.54 5.54 -3.85
N PRO A 289 21.63 5.05 -4.44
CA PRO A 289 22.21 5.76 -5.57
C PRO A 289 21.27 5.87 -6.76
N LYS A 290 20.20 5.08 -6.78
CA LYS A 290 19.25 5.10 -7.88
C LYS A 290 18.22 6.22 -7.76
N ASP A 291 18.22 6.97 -6.67
CA ASP A 291 17.26 8.06 -6.49
C ASP A 291 17.75 9.27 -7.28
N LEU A 292 17.01 9.63 -8.32
CA LEU A 292 17.25 10.87 -9.05
C LEU A 292 16.04 11.79 -9.04
N GLU A 293 14.83 11.24 -9.17
CA GLU A 293 13.65 12.08 -9.34
C GLU A 293 13.48 13.09 -8.22
N THR A 294 14.01 12.81 -7.02
CA THR A 294 13.86 13.75 -5.92
C THR A 294 14.42 15.11 -6.31
N GLN A 295 13.68 16.15 -5.95
CA GLN A 295 13.97 17.51 -6.40
C GLN A 295 14.71 18.28 -5.32
N LEU A 296 15.77 18.98 -5.72
CA LEU A 296 16.50 19.90 -4.85
C LEU A 296 16.02 21.32 -5.13
N TRP A 297 15.95 22.14 -4.08
CA TRP A 297 15.23 23.40 -4.14
C TRP A 297 16.06 24.66 -3.90
N ALA A 298 17.02 24.66 -2.99
CA ALA A 298 17.74 25.90 -2.69
C ALA A 298 19.20 25.62 -2.37
N CYS A 299 20.03 26.63 -2.62
CA CYS A 299 21.45 26.56 -2.32
C CYS A 299 21.97 27.96 -2.03
N ALA A 300 23.04 28.04 -1.26
CA ALA A 300 23.58 29.32 -0.82
C ALA A 300 25.04 29.15 -0.45
N PHE A 301 25.84 30.19 -0.74
CA PHE A 301 27.25 30.20 -0.36
C PHE A 301 27.41 30.76 1.05
N GLU A 302 28.27 30.09 1.83
CA GLU A 302 28.60 30.58 3.16
C GLU A 302 29.40 31.88 3.07
N PRO A 303 29.08 32.87 3.93
CA PRO A 303 29.85 34.12 3.85
C PRO A 303 31.34 33.90 4.03
N GLN A 315 33.90 29.33 -1.26
CA GLN A 315 33.80 28.15 -2.11
C GLN A 315 33.06 27.02 -1.40
N THR A 316 32.30 27.38 -0.38
CA THR A 316 31.48 26.44 0.38
C THR A 316 30.01 26.80 0.16
N VAL A 317 29.22 25.82 -0.27
CA VAL A 317 27.81 26.01 -0.57
C VAL A 317 26.99 25.01 0.24
N ALA A 318 25.88 25.48 0.79
CA ALA A 318 24.89 24.62 1.42
C ALA A 318 23.77 24.37 0.43
N THR A 319 23.34 23.12 0.35
CA THR A 319 22.26 22.72 -0.55
C THR A 319 21.25 21.88 0.21
N CYS A 320 19.99 21.97 -0.22
CA CYS A 320 18.90 21.32 0.47
C CYS A 320 17.95 20.68 -0.52
N GLY A 321 17.37 19.56 -0.11
CA GLY A 321 16.37 18.88 -0.92
C GLY A 321 16.15 17.48 -0.40
N GLY A 322 14.92 16.99 -0.54
CA GLY A 322 14.57 15.76 0.13
C GLY A 322 14.70 15.93 1.64
N GLU A 323 15.17 14.87 2.30
CA GLU A 323 15.24 14.84 3.75
C GLU A 323 16.58 15.31 4.29
N ALA A 324 17.45 15.84 3.44
CA ALA A 324 18.82 16.15 3.83
C ALA A 324 19.17 17.59 3.50
N VAL A 325 20.06 18.16 4.31
CA VAL A 325 20.70 19.43 4.01
C VAL A 325 22.20 19.16 3.90
N CYS A 326 22.79 19.55 2.77
CA CYS A 326 24.17 19.22 2.47
C CYS A 326 25.00 20.49 2.36
N VAL A 327 26.23 20.39 2.86
CA VAL A 327 27.22 21.47 2.76
C VAL A 327 28.36 20.96 1.90
N ILE A 328 28.57 21.61 0.76
CA ILE A 328 29.41 21.09 -0.31
C ILE A 328 30.51 22.11 -0.61
N ASP A 329 31.72 21.61 -0.83
CA ASP A 329 32.83 22.43 -1.32
C ASP A 329 32.80 22.38 -2.84
N CYS A 330 32.44 23.51 -3.46
CA CYS A 330 32.30 23.53 -4.92
C CYS A 330 33.61 23.20 -5.62
N GLN A 331 34.74 23.57 -5.02
CA GLN A 331 36.02 23.29 -5.64
C GLN A 331 36.29 21.79 -5.68
N THR A 332 36.42 21.15 -4.52
CA THR A 332 36.82 19.76 -4.42
C THR A 332 35.69 18.78 -4.64
N GLY A 333 34.44 19.22 -4.51
CA GLY A 333 33.30 18.34 -4.67
C GLY A 333 33.00 17.47 -3.47
N LEU A 334 33.77 17.56 -2.41
CA LEU A 334 33.48 16.80 -1.20
C LEU A 334 32.28 17.40 -0.48
N VAL A 335 31.41 16.54 0.03
CA VAL A 335 30.28 16.98 0.85
C VAL A 335 30.77 17.06 2.29
N LEU A 336 30.86 18.28 2.81
CA LEU A 336 31.46 18.48 4.13
C LEU A 336 30.53 18.04 5.24
N HIS A 337 29.23 18.31 5.12
CA HIS A 337 28.28 18.03 6.18
C HIS A 337 26.93 17.67 5.60
N LYS A 338 26.22 16.81 6.33
CA LYS A 338 24.90 16.37 5.94
C LYS A 338 24.06 16.19 7.20
N TYR A 339 22.86 16.75 7.16
CA TYR A 339 21.90 16.70 8.25
C TYR A 339 20.60 16.13 7.69
N LYS A 340 20.06 15.11 8.34
CA LYS A 340 18.85 14.43 7.91
C LYS A 340 17.78 14.52 9.00
N VAL A 341 16.56 14.91 8.62
CA VAL A 341 15.39 14.87 9.51
C VAL A 341 14.28 14.11 8.81
N PRO A 342 13.71 13.05 9.45
CA PRO A 342 12.75 12.18 8.77
C PRO A 342 11.54 12.90 8.23
N GLY A 343 11.26 12.62 6.95
CA GLY A 343 10.02 12.98 6.29
C GLY A 343 9.99 14.40 5.78
N GLU A 344 10.99 15.19 6.10
CA GLU A 344 11.05 16.59 5.72
C GLU A 344 11.52 16.74 4.28
N GLU A 345 11.00 17.76 3.62
CA GLU A 345 11.37 18.08 2.26
C GLU A 345 11.85 19.53 2.29
N PHE A 346 13.14 19.70 2.57
CA PHE A 346 13.67 21.03 2.81
C PHE A 346 13.43 21.93 1.61
N PHE A 347 13.10 23.18 1.88
CA PHE A 347 12.76 24.13 0.85
C PHE A 347 13.66 25.35 0.81
N SER A 348 14.40 25.65 1.88
CA SER A 348 15.25 26.83 1.86
C SER A 348 16.38 26.70 2.88
N VAL A 349 17.53 27.25 2.51
CA VAL A 349 18.68 27.36 3.39
C VAL A 349 19.29 28.74 3.21
N ALA A 350 19.88 29.27 4.27
CA ALA A 350 20.53 30.57 4.22
C ALA A 350 21.57 30.64 5.31
N TRP A 351 22.72 31.23 4.99
CA TRP A 351 23.78 31.45 5.96
C TRP A 351 23.66 32.83 6.58
N THR A 352 24.17 32.98 7.79
CA THR A 352 24.30 34.28 8.40
C THR A 352 25.55 34.28 9.26
N ALA A 353 26.29 35.39 9.19
CA ALA A 353 27.48 35.58 10.00
C ALA A 353 27.07 36.29 11.29
N LEU A 354 27.25 35.61 12.41
CA LEU A 354 26.91 36.16 13.72
C LEU A 354 28.17 36.48 14.50
N THR A 355 28.08 37.53 15.31
CA THR A 355 29.21 37.97 16.13
C THR A 355 29.07 37.46 17.56
N ARG A 365 31.48 34.77 16.61
CA ARG A 365 31.88 34.65 15.22
C ARG A 365 31.54 33.27 14.67
N TRP A 366 30.24 32.99 14.53
CA TRP A 366 29.76 31.74 13.96
C TRP A 366 28.96 32.03 12.70
N ASN A 367 29.30 31.34 11.62
CA ASN A 367 28.52 31.38 10.38
C ASN A 367 27.45 30.30 10.48
N MET A 368 26.31 30.67 11.09
CA MET A 368 25.23 29.72 11.28
C MET A 368 24.48 29.49 9.97
N LEU A 369 23.93 28.29 9.83
CA LEU A 369 23.14 27.91 8.66
C LEU A 369 21.72 27.61 9.11
N ALA A 370 20.75 28.27 8.49
CA ALA A 370 19.34 28.06 8.78
C ALA A 370 18.74 27.17 7.71
N ALA A 371 17.94 26.19 8.13
CA ALA A 371 17.22 25.33 7.21
C ALA A 371 15.80 25.15 7.71
N ALA A 372 14.86 24.97 6.79
CA ALA A 372 13.48 24.69 7.14
C ALA A 372 12.82 24.03 5.94
N GLY A 373 11.58 23.60 6.13
CA GLY A 373 10.86 22.94 5.06
C GLY A 373 9.44 22.52 5.36
N LEU A 374 9.09 21.31 4.97
CA LEU A 374 7.69 20.91 4.96
C LEU A 374 7.01 21.12 6.31
N ARG A 375 7.73 20.86 7.40
CA ARG A 375 7.08 20.82 8.71
C ARG A 375 7.00 22.18 9.38
N GLY A 376 7.41 23.25 8.72
CA GLY A 376 7.25 24.56 9.30
C GLY A 376 8.16 24.83 10.48
N MET A 377 9.27 24.12 10.58
CA MET A 377 10.21 24.26 11.69
C MET A 377 11.53 24.79 11.16
N VAL A 378 11.98 25.89 11.73
CA VAL A 378 13.24 26.52 11.33
C VAL A 378 14.36 25.92 12.17
N ARG A 379 15.28 25.24 11.51
CA ARG A 379 16.41 24.59 12.19
C ARG A 379 17.68 25.36 11.87
N LEU A 380 18.31 25.89 12.91
CA LEU A 380 19.57 26.60 12.78
C LEU A 380 20.70 25.64 13.14
N LEU A 381 21.58 25.38 12.18
CA LEU A 381 22.63 24.39 12.33
C LEU A 381 23.98 25.10 12.40
N HIS A 382 24.77 24.77 13.41
CA HIS A 382 26.16 25.23 13.50
C HIS A 382 27.00 24.24 12.72
N VAL A 383 27.16 24.51 11.42
CA VAL A 383 27.77 23.53 10.52
C VAL A 383 29.20 23.25 10.93
N ARG A 384 29.97 24.30 11.22
CA ARG A 384 31.36 24.12 11.57
C ARG A 384 31.50 23.26 12.83
N ALA A 385 30.66 23.50 13.83
CA ALA A 385 30.70 22.72 15.05
C ALA A 385 30.14 21.31 14.85
N GLY A 386 29.26 21.11 13.89
CA GLY A 386 28.78 19.79 13.56
C GLY A 386 27.53 19.32 14.27
N PHE A 387 26.64 20.23 14.68
CA PHE A 387 25.40 19.80 15.32
C PHE A 387 24.36 20.90 15.18
N CYS A 388 23.10 20.49 15.34
CA CYS A 388 21.96 21.42 15.30
C CYS A 388 21.78 22.05 16.67
N CYS A 389 21.81 23.39 16.71
CA CYS A 389 21.75 24.10 17.99
C CYS A 389 20.32 24.17 18.52
N SER A 390 19.39 24.69 17.72
CA SER A 390 18.03 24.90 18.19
C SER A 390 17.07 24.73 17.01
N VAL A 391 15.79 24.62 17.35
CA VAL A 391 14.71 24.49 16.37
C VAL A 391 13.59 25.43 16.76
N ILE A 392 13.06 26.16 15.78
CA ILE A 392 11.97 27.11 15.99
C ILE A 392 10.74 26.57 15.29
N ARG A 393 9.66 26.39 16.04
CA ARG A 393 8.41 25.85 15.49
C ARG A 393 7.62 27.02 14.91
N ALA A 394 8.10 27.52 13.77
CA ALA A 394 7.65 28.82 13.28
C ALA A 394 6.23 28.77 12.72
N HIS A 395 5.91 27.75 11.94
CA HIS A 395 4.61 27.69 11.29
C HIS A 395 4.01 26.31 11.42
N LYS A 396 2.68 26.25 11.38
CA LYS A 396 1.94 25.00 11.39
C LYS A 396 1.76 24.44 9.98
N LYS A 397 2.08 25.22 8.96
CA LYS A 397 2.09 24.75 7.58
C LYS A 397 3.50 24.88 7.02
N ALA A 398 3.70 24.34 5.83
CA ALA A 398 5.03 24.27 5.25
C ALA A 398 5.64 25.65 5.08
N ILE A 399 6.95 25.76 5.32
CA ILE A 399 7.68 27.00 5.15
C ILE A 399 8.26 27.05 3.74
N ALA A 400 7.79 28.00 2.94
CA ALA A 400 8.23 28.07 1.55
C ALA A 400 9.70 28.43 1.44
N THR A 401 10.12 29.53 2.08
CA THR A 401 11.51 29.96 1.97
C THR A 401 11.87 30.88 3.12
N LEU A 402 13.17 31.01 3.34
CA LEU A 402 13.74 31.82 4.41
C LEU A 402 14.65 32.88 3.84
N CYS A 403 14.88 33.93 4.62
CA CYS A 403 15.77 35.00 4.20
C CYS A 403 16.32 35.69 5.44
N PHE A 404 17.40 36.42 5.24
CA PHE A 404 18.01 37.29 6.23
C PHE A 404 18.19 38.67 5.61
N SER A 405 18.89 39.55 6.30
CA SER A 405 19.24 40.83 5.72
C SER A 405 20.32 41.46 6.57
N PRO A 406 20.90 42.59 6.18
CA PRO A 406 21.83 43.31 7.06
C PRO A 406 21.05 44.15 8.07
N THR A 407 19.96 43.60 8.59
CA THR A 407 19.23 44.28 9.64
C THR A 407 20.17 44.47 10.83
N HIS A 408 19.69 45.21 11.83
CA HIS A 408 20.56 45.47 12.98
C HIS A 408 21.14 44.16 13.51
N GLU A 409 20.36 43.08 13.51
CA GLU A 409 20.93 41.79 13.86
C GLU A 409 19.96 40.62 13.73
N THR A 410 20.50 39.45 13.35
CA THR A 410 19.86 38.15 13.55
C THR A 410 18.38 38.13 13.19
N HIS A 411 18.00 38.78 12.10
CA HIS A 411 16.63 38.71 11.62
C HIS A 411 16.47 37.57 10.63
N LEU A 412 15.26 37.00 10.61
CA LEU A 412 14.97 35.81 9.79
C LEU A 412 13.51 35.89 9.38
N PHE A 413 13.26 36.32 8.15
CA PHE A 413 11.92 36.26 7.61
C PHE A 413 11.62 34.83 7.15
N THR A 414 10.47 34.32 7.57
CA THR A 414 10.03 32.97 7.22
C THR A 414 8.68 33.07 6.52
N ALA A 415 8.61 32.55 5.30
CA ALA A 415 7.40 32.63 4.48
C ALA A 415 6.82 31.24 4.32
N SER A 416 5.66 31.01 4.94
CA SER A 416 5.03 29.70 4.93
C SER A 416 3.69 29.75 4.22
N TYR A 417 3.14 28.57 3.99
CA TYR A 417 1.88 28.41 3.28
C TYR A 417 0.68 28.85 4.09
N ASP A 418 0.83 29.18 5.36
CA ASP A 418 -0.32 29.70 6.07
C ASP A 418 -0.65 31.11 5.69
N LYS A 419 0.04 31.64 4.67
CA LYS A 419 -0.17 33.00 4.18
C LYS A 419 0.39 34.04 5.13
N ARG A 420 1.47 33.69 5.84
CA ARG A 420 2.12 34.60 6.77
C ARG A 420 3.61 34.65 6.48
N ILE A 421 4.20 35.81 6.75
CA ILE A 421 5.64 35.99 6.80
C ILE A 421 5.96 36.51 8.19
N ILE A 422 6.68 35.72 8.97
CA ILE A 422 7.01 36.09 10.35
C ILE A 422 8.46 36.49 10.42
N LEU A 423 8.73 37.58 11.12
CA LEU A 423 10.07 38.09 11.34
C LEU A 423 10.53 37.67 12.72
N TRP A 424 11.61 36.91 12.79
CA TRP A 424 12.11 36.38 14.05
C TRP A 424 13.42 37.07 14.44
N ASP A 425 13.59 37.23 15.75
CA ASP A 425 14.86 37.65 16.33
C ASP A 425 15.36 36.47 17.15
N ILE A 426 16.26 35.68 16.54
CA ILE A 426 16.69 34.44 17.18
C ILE A 426 17.58 34.68 18.39
N GLY A 427 17.98 35.91 18.64
CA GLY A 427 18.72 36.24 19.85
C GLY A 427 20.12 35.67 19.83
N VAL A 428 20.88 35.99 20.86
CA VAL A 428 22.26 35.54 20.99
C VAL A 428 22.23 34.15 21.61
N PRO A 429 23.08 33.22 21.17
CA PRO A 429 23.11 31.90 21.80
C PRO A 429 23.79 31.96 23.16
N ASN A 430 23.17 31.35 24.16
CA ASN A 430 23.78 31.29 25.48
C ASN A 430 25.01 30.38 25.43
N HIS A 431 25.65 30.22 26.58
CA HIS A 431 26.87 29.43 26.64
C HIS A 431 26.64 27.99 26.16
N ASP A 432 25.41 27.50 26.26
CA ASP A 432 25.09 26.12 25.92
C ASP A 432 24.39 25.97 24.56
N TYR A 433 24.64 26.89 23.63
CA TYR A 433 24.16 26.75 22.26
C TYR A 433 22.64 26.71 22.17
N LYS A 434 21.96 27.47 23.02
CA LYS A 434 20.51 27.51 23.05
C LYS A 434 20.00 28.88 22.59
N PHE A 435 18.92 28.88 21.80
CA PHE A 435 18.37 30.09 21.23
C PHE A 435 16.99 30.37 21.83
N GLN A 436 16.74 31.65 22.08
CA GLN A 436 15.48 32.13 22.64
C GLN A 436 14.83 32.99 21.56
N ALA A 437 14.07 32.36 20.67
CA ALA A 437 13.51 33.05 19.52
C ALA A 437 12.36 33.93 19.95
N SER A 438 12.28 35.11 19.33
CA SER A 438 11.18 36.04 19.57
C SER A 438 10.49 36.36 18.26
N GLN A 439 9.21 36.68 18.36
CA GLN A 439 8.41 37.10 17.22
C GLN A 439 8.35 38.62 17.23
N LEU A 440 8.86 39.25 16.19
CA LEU A 440 8.84 40.69 16.07
C LEU A 440 7.60 41.21 15.36
N LEU A 441 7.06 40.45 14.40
CA LEU A 441 6.06 41.01 13.51
C LEU A 441 5.51 39.91 12.62
N THR A 442 4.24 40.04 12.25
CA THR A 442 3.55 39.09 11.39
C THR A 442 2.97 39.84 10.20
N LEU A 443 3.34 39.41 8.99
CA LEU A 443 2.82 39.98 7.76
C LEU A 443 1.74 39.04 7.23
N ASN A 444 0.59 39.59 6.88
CA ASN A 444 -0.45 38.81 6.24
C ASN A 444 -0.38 38.98 4.73
N CYS A 445 -0.48 37.87 4.00
CA CYS A 445 -0.38 37.86 2.56
C CYS A 445 -1.67 37.35 1.94
N SER A 446 -2.03 37.90 0.78
CA SER A 446 -3.22 37.46 0.07
C SER A 446 -3.01 36.13 -0.62
N SER A 447 -1.78 35.62 -0.67
CA SER A 447 -1.49 34.34 -1.30
C SER A 447 -0.22 33.78 -0.67
N VAL A 448 0.20 32.62 -1.14
CA VAL A 448 1.36 31.92 -0.58
C VAL A 448 2.65 32.65 -0.98
N PRO A 449 3.46 33.10 -0.03
CA PRO A 449 4.74 33.72 -0.39
C PRO A 449 5.79 32.70 -0.80
N LEU A 450 6.62 33.07 -1.77
CA LEU A 450 7.59 32.18 -2.38
C LEU A 450 9.04 32.60 -2.21
N ARG A 451 9.35 33.89 -2.32
CA ARG A 451 10.71 34.39 -2.21
C ARG A 451 10.70 35.79 -1.63
N LEU A 452 11.65 36.10 -0.76
CA LEU A 452 11.77 37.43 -0.20
C LEU A 452 13.09 38.07 -0.59
N CYS A 453 13.05 39.39 -0.75
CA CYS A 453 14.25 40.19 -1.02
C CYS A 453 14.10 41.50 -0.27
N PRO A 454 14.82 41.67 0.83
CA PRO A 454 14.82 42.97 1.49
C PRO A 454 15.26 44.08 0.54
N VAL A 455 14.59 45.23 0.63
CA VAL A 455 14.91 46.35 -0.23
C VAL A 455 16.38 46.68 -0.07
N ALA A 456 17.08 46.87 -1.19
CA ALA A 456 18.52 47.07 -1.13
C ALA A 456 18.88 48.30 -0.34
N THR A 457 18.23 49.44 -0.63
CA THR A 457 18.62 50.70 -0.01
C THR A 457 18.00 50.91 1.37
N CYS A 458 17.07 50.06 1.78
CA CYS A 458 16.51 50.12 3.12
C CYS A 458 16.07 48.72 3.53
N PRO A 459 17.01 47.81 3.71
CA PRO A 459 16.64 46.39 3.94
C PRO A 459 15.87 46.19 5.23
N ASP A 460 16.03 47.06 6.21
CA ASP A 460 15.36 46.91 7.50
C ASP A 460 14.15 47.83 7.64
N SER A 461 13.70 48.45 6.55
CA SER A 461 12.52 49.29 6.53
C SER A 461 11.39 48.73 5.69
N PHE A 462 11.69 48.22 4.50
CA PHE A 462 10.68 47.64 3.62
C PHE A 462 11.17 46.31 3.07
N LEU A 463 10.24 45.38 2.90
CA LEU A 463 10.53 44.04 2.41
C LEU A 463 9.66 43.74 1.19
N LEU A 464 10.26 43.12 0.18
CA LEU A 464 9.51 42.61 -0.96
C LEU A 464 9.44 41.10 -0.88
N ALA A 465 8.28 40.55 -1.29
CA ALA A 465 8.06 39.11 -1.24
C ALA A 465 7.25 38.70 -2.46
N GLY A 466 7.65 37.60 -3.09
CA GLY A 466 6.89 37.04 -4.20
C GLY A 466 5.88 36.05 -3.70
N CYS A 467 4.62 36.22 -4.14
CA CYS A 467 3.53 35.40 -3.68
C CYS A 467 2.78 34.81 -4.87
N GLU A 468 1.93 33.82 -4.58
CA GLU A 468 1.15 33.18 -5.63
C GLU A 468 0.15 34.14 -6.27
N GLY A 469 -0.14 35.26 -5.63
CA GLY A 469 -1.07 36.22 -6.18
C GLY A 469 -0.39 37.43 -6.79
N GLY A 470 0.93 37.47 -6.75
CA GLY A 470 1.70 38.57 -7.29
C GLY A 470 2.82 38.95 -6.35
N CYS A 471 3.33 40.15 -6.53
CA CYS A 471 4.41 40.70 -5.73
C CYS A 471 3.89 41.85 -4.89
N GLY A 472 4.40 41.96 -3.67
CA GLY A 472 4.04 43.05 -2.78
C GLY A 472 5.25 43.61 -2.07
N CYS A 473 5.02 44.73 -1.38
CA CYS A 473 6.02 45.35 -0.52
C CYS A 473 5.42 45.49 0.88
N TRP A 474 6.18 45.10 1.90
CA TRP A 474 5.73 45.18 3.27
C TRP A 474 6.70 46.04 4.08
N ASP A 475 6.13 46.89 4.94
CA ASP A 475 6.91 47.81 5.77
C ASP A 475 7.44 47.04 6.98
N VAL A 476 8.76 46.87 7.06
CA VAL A 476 9.38 46.10 8.12
C VAL A 476 10.08 47.01 9.14
N ARG A 477 9.73 48.29 9.17
CA ARG A 477 10.33 49.20 10.13
C ARG A 477 9.87 48.88 11.55
N LEU A 478 10.82 48.85 12.48
CA LEU A 478 10.58 48.43 13.85
C LEU A 478 9.98 49.52 14.73
N ASP A 479 10.08 50.78 14.32
CA ASP A 479 9.58 51.89 15.12
C ASP A 479 8.08 52.04 15.05
N GLN A 480 7.44 51.47 14.03
CA GLN A 480 5.99 51.49 14.06
C GLN A 480 5.49 50.45 15.05
N PRO A 481 4.40 50.72 15.76
CA PRO A 481 4.01 49.88 16.89
C PRO A 481 3.19 48.66 16.48
N GLN A 482 2.44 48.79 15.39
CA GLN A 482 1.53 47.72 15.01
C GLN A 482 2.30 46.47 14.62
N LYS A 483 1.80 45.31 15.04
CA LYS A 483 2.51 44.06 14.89
C LYS A 483 1.99 43.19 13.76
N GLN A 484 0.73 43.36 13.35
CA GLN A 484 0.15 42.64 12.22
C GLN A 484 -0.11 43.65 11.11
N ARG A 485 0.60 43.51 10.00
CA ARG A 485 0.56 44.48 8.91
C ARG A 485 0.20 43.78 7.61
N VAL A 486 -0.74 44.37 6.88
CA VAL A 486 -1.08 43.90 5.54
C VAL A 486 -0.06 44.44 4.56
N CYS A 487 -0.11 43.96 3.31
CA CYS A 487 0.76 44.48 2.28
C CYS A 487 0.57 45.98 2.12
N GLU A 488 1.69 46.71 2.13
CA GLU A 488 1.62 48.16 1.96
C GLU A 488 1.28 48.52 0.52
N VAL A 489 1.91 47.87 -0.44
CA VAL A 489 1.70 48.16 -1.85
C VAL A 489 1.74 46.86 -2.63
N ASN A 490 0.72 46.62 -3.46
CA ASN A 490 0.69 45.49 -4.37
C ASN A 490 1.09 45.99 -5.76
N PHE A 491 2.12 45.37 -6.33
CA PHE A 491 2.70 45.84 -7.57
C PHE A 491 2.03 45.18 -8.78
N VAL A 492 1.99 45.92 -9.88
CA VAL A 492 1.40 45.46 -11.13
C VAL A 492 2.48 45.48 -12.20
N PHE A 493 2.59 44.39 -12.95
CA PHE A 493 3.58 44.28 -14.00
C PHE A 493 2.91 44.26 -15.38
N GLN A 502 -1.05 37.21 -11.13
CA GLN A 502 -0.36 35.95 -11.39
C GLN A 502 0.87 35.82 -10.51
N ARG A 503 1.26 34.58 -10.25
CA ARG A 503 2.35 34.33 -9.31
C ARG A 503 3.65 34.92 -9.83
N VAL A 504 4.56 35.17 -8.90
CA VAL A 504 5.91 35.67 -9.18
C VAL A 504 6.87 34.69 -8.54
N ASP A 505 7.47 33.83 -9.35
CA ASP A 505 8.28 32.73 -8.86
C ASP A 505 9.77 33.05 -8.85
N GLY A 506 10.15 34.28 -9.17
CA GLY A 506 11.54 34.68 -9.16
C GLY A 506 11.65 36.16 -8.92
N LEU A 507 12.54 36.57 -8.00
CA LEU A 507 12.56 37.96 -7.55
C LEU A 507 13.89 38.24 -6.89
N ALA A 508 14.61 39.25 -7.38
CA ALA A 508 15.88 39.64 -6.78
C ALA A 508 16.33 40.96 -7.39
N PHE A 509 17.15 41.69 -6.63
CA PHE A 509 17.72 42.96 -7.08
C PHE A 509 18.98 42.70 -7.90
N VAL A 510 19.06 43.33 -9.06
CA VAL A 510 20.28 43.23 -9.86
C VAL A 510 21.34 44.18 -9.33
N ASN A 511 20.95 45.40 -9.00
CA ASN A 511 21.83 46.37 -8.38
C ASN A 511 21.05 47.06 -7.27
N GLU A 512 21.58 48.19 -6.80
CA GLU A 512 20.94 48.87 -5.67
C GLU A 512 19.54 49.35 -6.01
N ASP A 513 19.25 49.60 -7.29
CA ASP A 513 18.00 50.22 -7.67
C ASP A 513 17.12 49.38 -8.59
N VAL A 514 17.68 48.41 -9.31
CA VAL A 514 16.95 47.65 -10.31
C VAL A 514 16.54 46.31 -9.71
N VAL A 515 15.27 45.94 -9.91
CA VAL A 515 14.71 44.68 -9.43
C VAL A 515 14.49 43.76 -10.61
N ALA A 516 14.94 42.52 -10.49
CA ALA A 516 14.68 41.48 -11.47
C ALA A 516 13.62 40.53 -10.94
N SER A 517 12.54 40.36 -11.69
CA SER A 517 11.41 39.56 -11.27
C SER A 517 10.89 38.76 -12.45
N LYS A 518 10.22 37.65 -12.15
CA LYS A 518 9.61 36.84 -13.20
C LYS A 518 8.45 36.03 -12.61
N GLY A 519 7.57 35.61 -13.50
CA GLY A 519 6.50 34.69 -13.17
C GLY A 519 6.60 33.44 -14.00
N SER A 520 5.46 32.82 -14.31
CA SER A 520 5.41 31.65 -15.17
C SER A 520 4.45 31.90 -16.32
N GLY A 521 4.74 31.29 -17.47
CA GLY A 521 3.85 31.38 -18.61
C GLY A 521 3.88 32.70 -19.34
N GLN A 522 4.92 33.49 -19.16
CA GLN A 522 5.05 34.78 -19.83
C GLN A 522 6.30 34.89 -20.68
N GLY A 523 7.30 34.03 -20.49
CA GLY A 523 8.54 34.13 -21.23
C GLY A 523 9.20 35.48 -21.11
N THR A 524 9.06 36.15 -19.96
CA THR A 524 9.55 37.50 -19.78
C THR A 524 10.10 37.65 -18.37
N ILE A 525 11.21 38.36 -18.26
CA ILE A 525 11.78 38.77 -16.98
C ILE A 525 11.74 40.29 -16.94
N TYR A 526 11.10 40.85 -15.91
CA TYR A 526 10.87 42.27 -15.82
C TYR A 526 11.96 42.92 -14.98
N LEU A 527 12.47 44.05 -15.47
CA LEU A 527 13.41 44.88 -14.73
C LEU A 527 12.73 46.22 -14.46
N TRP A 528 12.59 46.56 -13.17
CA TRP A 528 11.96 47.81 -12.78
C TRP A 528 12.74 48.42 -11.63
N SER A 529 12.66 49.75 -11.55
CA SER A 529 13.42 50.53 -10.58
C SER A 529 12.65 50.62 -9.27
N TRP A 530 13.32 50.33 -8.16
CA TRP A 530 12.69 50.49 -6.86
C TRP A 530 12.43 51.97 -6.55
N SER A 531 13.44 52.81 -6.78
CA SER A 531 13.34 54.21 -6.41
C SER A 531 12.20 54.89 -7.13
N GLN A 532 12.11 54.70 -8.45
CA GLN A 532 11.07 55.37 -9.22
C GLN A 532 9.68 54.88 -8.82
N THR A 533 9.53 53.56 -8.63
CA THR A 533 8.25 53.03 -8.19
C THR A 533 7.83 53.65 -6.87
N TRP A 534 8.74 53.63 -5.88
CA TRP A 534 8.38 54.16 -4.57
C TRP A 534 8.06 55.64 -4.63
N ALA A 535 8.78 56.39 -5.48
CA ALA A 535 8.43 57.80 -5.68
C ALA A 535 7.06 57.95 -6.33
N SER A 536 6.67 56.99 -7.17
CA SER A 536 5.38 57.05 -7.84
C SER A 536 4.24 56.45 -7.02
N ARG A 537 4.50 56.08 -5.76
CA ARG A 537 3.49 55.39 -4.98
C ARG A 537 2.38 56.34 -4.55
N GLY A 538 2.73 57.40 -3.84
CA GLY A 538 1.74 58.23 -3.19
C GLY A 538 1.06 57.48 -2.07
N SER A 539 -0.26 57.34 -2.14
CA SER A 539 -1.03 56.56 -1.18
C SER A 539 -1.68 55.33 -1.80
N GLN A 540 -1.42 55.06 -3.08
CA GLN A 540 -2.05 53.93 -3.75
C GLN A 540 -1.59 52.61 -3.16
N SER A 541 -2.54 51.71 -2.93
CA SER A 541 -2.21 50.35 -2.51
C SER A 541 -1.81 49.47 -3.68
N VAL A 542 -2.28 49.78 -4.89
CA VAL A 542 -1.94 49.06 -6.10
C VAL A 542 -1.22 50.03 -7.02
N LEU A 543 -0.02 49.66 -7.46
CA LEU A 543 0.84 50.58 -8.18
C LEU A 543 1.56 49.88 -9.32
N PRO A 544 1.33 50.27 -10.58
CA PRO A 544 2.16 49.75 -11.67
C PRO A 544 3.62 50.14 -11.46
N VAL A 545 4.52 49.22 -11.80
CA VAL A 545 5.94 49.48 -11.60
C VAL A 545 6.50 50.25 -12.79
N VAL A 546 7.63 50.90 -12.54
CA VAL A 546 8.34 51.64 -13.59
C VAL A 546 9.28 50.64 -14.25
N ILE A 547 8.87 50.12 -15.40
CA ILE A 547 9.61 49.05 -16.06
C ILE A 547 10.82 49.64 -16.77
N LEU A 548 11.98 49.04 -16.57
CA LEU A 548 13.21 49.45 -17.24
C LEU A 548 13.48 48.63 -18.49
N ALA A 549 13.24 47.32 -18.44
CA ALA A 549 13.43 46.46 -19.60
C ALA A 549 12.76 45.13 -19.35
N GLN A 550 12.60 44.36 -20.43
CA GLN A 550 12.11 42.99 -20.36
C GLN A 550 13.13 42.08 -21.03
N LEU A 551 13.35 40.90 -20.45
CA LEU A 551 14.29 39.93 -20.98
C LEU A 551 13.56 38.67 -21.43
N GLN A 552 13.85 38.25 -22.66
CA GLN A 552 13.19 37.09 -23.24
C GLN A 552 13.61 35.82 -22.52
N TRP A 553 12.63 35.06 -22.04
CA TRP A 553 12.89 33.80 -21.36
C TRP A 553 11.93 32.72 -21.89
N SER A 554 12.30 31.47 -21.65
CA SER A 554 11.54 30.31 -22.11
C SER A 554 10.05 30.54 -21.87
N PRO A 555 9.17 30.00 -22.71
CA PRO A 555 7.74 30.30 -22.59
C PRO A 555 6.93 29.35 -21.72
N THR A 556 7.58 28.45 -20.99
CA THR A 556 6.86 27.43 -20.23
C THR A 556 5.94 28.08 -19.19
N SER A 557 4.79 27.44 -18.97
CA SER A 557 3.86 27.86 -17.93
C SER A 557 4.16 27.25 -16.57
N LEU A 558 5.20 26.43 -16.46
CA LEU A 558 5.56 25.81 -15.20
C LEU A 558 6.06 26.85 -14.20
N ALA A 559 5.72 26.64 -12.93
CA ALA A 559 6.00 27.60 -11.87
C ALA A 559 7.18 27.16 -11.01
N TYR A 560 7.49 28.01 -10.02
CA TYR A 560 8.57 27.78 -9.07
C TYR A 560 9.92 27.65 -9.76
N PHE A 561 10.19 28.49 -10.77
CA PHE A 561 11.54 28.63 -11.34
C PHE A 561 12.12 29.95 -10.85
N SER A 562 13.09 29.88 -9.95
CA SER A 562 13.59 31.07 -9.27
C SER A 562 14.84 31.59 -9.94
N LEU A 563 15.07 32.89 -9.78
CA LEU A 563 16.21 33.58 -10.36
C LEU A 563 17.10 34.11 -9.26
N SER A 564 18.28 34.57 -9.67
CA SER A 564 19.26 35.13 -8.75
C SER A 564 20.08 36.17 -9.51
N THR A 565 20.99 36.82 -8.80
CA THR A 565 21.83 37.84 -9.40
C THR A 565 23.24 37.73 -8.82
N CYS A 566 24.18 38.34 -9.53
CA CYS A 566 25.55 38.54 -9.05
C CYS A 566 25.85 40.03 -9.21
N PRO A 567 25.47 40.86 -8.23
CA PRO A 567 25.52 42.31 -8.46
C PRO A 567 26.88 42.82 -8.90
N ASP A 568 27.96 42.27 -8.36
CA ASP A 568 29.30 42.76 -8.73
C ASP A 568 29.55 42.59 -10.22
N LYS A 569 28.91 41.61 -10.86
CA LYS A 569 29.09 41.36 -12.27
C LYS A 569 27.89 41.79 -13.12
N ASN A 570 26.85 42.33 -12.50
CA ASN A 570 25.65 42.77 -13.22
C ASN A 570 25.03 41.61 -14.00
N LEU A 571 24.78 40.51 -13.30
CA LEU A 571 24.30 39.28 -13.90
C LEU A 571 22.92 38.89 -13.35
N VAL A 572 22.08 38.34 -14.22
CA VAL A 572 20.83 37.72 -13.83
C VAL A 572 20.86 36.27 -14.26
N LEU A 573 20.51 35.38 -13.33
CA LEU A 573 20.60 33.94 -13.54
C LEU A 573 19.25 33.30 -13.27
N CYS A 574 18.88 32.33 -14.12
CA CYS A 574 17.61 31.63 -13.97
C CYS A 574 17.66 30.36 -14.80
N GLY A 575 17.42 29.22 -14.15
CA GLY A 575 17.34 27.97 -14.86
C GLY A 575 15.98 27.75 -15.50
N ASP A 576 15.93 26.81 -16.45
CA ASP A 576 14.75 26.58 -17.26
C ASP A 576 14.38 25.11 -17.23
N GLU A 577 13.27 24.78 -17.89
CA GLU A 577 12.73 23.42 -17.86
C GLU A 577 13.57 22.44 -18.68
N GLU A 578 14.51 22.94 -19.49
CA GLU A 578 15.42 22.08 -20.22
C GLU A 578 16.76 21.91 -19.51
N GLY A 579 16.92 22.46 -18.31
CA GLY A 579 18.15 22.35 -17.58
C GLY A 579 19.21 23.36 -17.96
N SER A 580 18.88 24.32 -18.82
CA SER A 580 19.84 25.34 -19.21
C SER A 580 19.88 26.44 -18.16
N VAL A 581 20.96 27.22 -18.19
CA VAL A 581 21.10 28.38 -17.32
C VAL A 581 21.13 29.62 -18.21
N TRP A 582 20.09 30.44 -18.12
CA TRP A 582 19.97 31.66 -18.89
C TRP A 582 20.68 32.78 -18.13
N ILE A 583 21.65 33.42 -18.78
CA ILE A 583 22.50 34.43 -18.15
C ILE A 583 22.27 35.75 -18.88
N TYR A 584 22.12 36.82 -18.11
CA TYR A 584 21.87 38.15 -18.65
C TYR A 584 22.84 39.14 -18.00
N ASP A 585 23.70 39.74 -18.82
CA ASP A 585 24.54 40.85 -18.37
C ASP A 585 23.81 42.13 -18.74
N VAL A 586 23.18 42.76 -17.75
CA VAL A 586 22.27 43.87 -18.01
C VAL A 586 22.98 45.21 -17.83
N GLU A 587 24.32 45.18 -17.78
CA GLU A 587 25.06 46.42 -17.59
C GLU A 587 24.81 47.39 -18.73
N HIS A 588 25.05 46.95 -19.96
CA HIS A 588 24.79 47.82 -21.11
C HIS A 588 23.30 48.12 -21.24
N LEU A 589 22.46 47.14 -20.94
CA LEU A 589 21.02 47.30 -21.05
C LEU A 589 20.52 48.32 -20.03
N THR A 599 10.98 46.10 -26.53
CA THR A 599 11.32 44.85 -27.20
C THR A 599 12.07 43.91 -26.23
N LEU A 600 11.77 42.61 -26.33
CA LEU A 600 12.32 41.63 -25.40
C LEU A 600 13.79 41.40 -25.67
N GLN A 601 14.63 41.74 -24.71
CA GLN A 601 16.05 41.63 -24.96
C GLN A 601 16.46 40.15 -24.88
N PRO A 602 17.54 39.76 -25.55
CA PRO A 602 17.92 38.34 -25.53
C PRO A 602 18.84 38.00 -24.39
N PRO A 603 18.93 36.71 -24.04
CA PRO A 603 19.94 36.27 -23.09
C PRO A 603 21.34 36.39 -23.68
N THR A 604 22.29 36.76 -22.83
CA THR A 604 23.67 36.88 -23.28
C THR A 604 24.27 35.51 -23.58
N GLN A 605 23.79 34.47 -22.91
CA GLN A 605 24.35 33.12 -23.05
C GLN A 605 23.36 32.15 -22.44
N ILE A 606 23.25 30.98 -23.05
CA ILE A 606 22.42 29.88 -22.54
C ILE A 606 23.33 28.68 -22.33
N LEU A 607 23.47 28.26 -21.07
CA LEU A 607 24.36 27.16 -20.72
C LEU A 607 23.53 25.87 -20.70
N LYS A 608 23.60 25.12 -21.79
CA LYS A 608 22.74 23.97 -21.98
C LYS A 608 23.08 22.85 -21.00
N TRP A 609 22.06 22.05 -20.68
CA TRP A 609 22.21 20.90 -19.78
C TRP A 609 23.15 19.88 -20.42
N PRO A 610 24.39 19.76 -19.94
CA PRO A 610 25.39 18.94 -20.64
C PRO A 610 25.11 17.44 -20.62
N GLN A 611 23.96 17.01 -20.11
CA GLN A 611 23.57 15.60 -20.14
C GLN A 611 24.64 14.70 -19.53
N PRO A 612 25.04 14.92 -18.28
CA PRO A 612 26.07 14.07 -17.69
C PRO A 612 25.61 12.63 -17.58
N VAL A 613 26.56 11.72 -17.64
CA VAL A 613 26.26 10.30 -17.61
C VAL A 613 25.93 9.88 -16.18
N ALA A 614 24.81 9.18 -16.02
CA ALA A 614 24.39 8.64 -14.73
C ALA A 614 24.17 7.14 -14.86
N LEU A 615 24.81 6.37 -13.99
CA LEU A 615 24.72 4.90 -14.03
C LEU A 615 25.13 4.37 -15.39
N GLY A 616 26.05 5.07 -16.07
CA GLY A 616 26.49 4.67 -17.39
C GLY A 616 25.65 5.19 -18.53
N GLN A 617 24.60 5.96 -18.25
CA GLN A 617 23.72 6.51 -19.28
C GLN A 617 23.58 8.02 -19.09
N PRO A 618 23.31 8.77 -20.16
CA PRO A 618 23.08 10.22 -20.00
C PRO A 618 21.73 10.52 -19.39
N VAL A 619 21.71 11.52 -18.50
CA VAL A 619 20.46 12.04 -17.93
C VAL A 619 19.98 13.12 -18.91
N THR A 620 19.19 12.69 -19.89
CA THR A 620 18.87 13.54 -21.03
C THR A 620 17.88 14.65 -20.69
N LYS A 621 16.98 14.43 -19.74
CA LYS A 621 15.94 15.40 -19.44
C LYS A 621 15.84 15.62 -17.94
N THR A 622 15.76 16.89 -17.55
CA THR A 622 15.60 17.26 -16.15
C THR A 622 15.09 18.69 -16.12
N MET A 623 15.08 19.27 -14.92
CA MET A 623 14.71 20.67 -14.74
C MET A 623 15.60 21.27 -13.68
N VAL A 624 16.01 22.52 -13.88
CA VAL A 624 16.81 23.27 -12.93
C VAL A 624 15.91 24.29 -12.27
N ASN A 625 15.93 24.34 -10.94
CA ASN A 625 15.10 25.27 -10.19
C ASN A 625 15.84 26.49 -9.68
N THR A 626 17.01 26.29 -9.06
CA THR A 626 17.70 27.37 -8.37
C THR A 626 19.14 27.47 -8.86
N VAL A 627 19.58 28.70 -9.06
CA VAL A 627 20.94 29.00 -9.52
C VAL A 627 21.49 30.13 -8.65
N VAL A 628 22.64 29.91 -8.04
CA VAL A 628 23.26 30.90 -7.17
C VAL A 628 24.76 30.92 -7.41
N ALA A 629 25.34 32.11 -7.42
CA ALA A 629 26.76 32.32 -7.66
C ALA A 629 27.32 33.26 -6.61
N ASN A 630 28.63 33.17 -6.38
CA ASN A 630 29.28 34.03 -5.40
C ASN A 630 29.44 35.45 -5.97
N ALA A 631 29.76 36.39 -5.08
CA ALA A 631 29.85 37.79 -5.49
C ALA A 631 30.87 38.00 -6.59
N ALA A 632 31.98 37.27 -6.55
CA ALA A 632 32.99 37.37 -7.59
C ALA A 632 32.66 36.54 -8.82
N PHE A 633 31.56 35.79 -8.80
CA PHE A 633 31.12 34.96 -9.92
C PHE A 633 32.24 34.01 -10.35
N THR A 634 32.91 33.42 -9.37
CA THR A 634 33.88 32.38 -9.65
C THR A 634 33.28 30.99 -9.61
N TYR A 635 32.15 30.81 -8.95
CA TYR A 635 31.49 29.51 -8.88
C TYR A 635 29.98 29.70 -8.96
N LEU A 636 29.35 28.95 -9.85
CA LEU A 636 27.90 28.99 -10.01
C LEU A 636 27.35 27.59 -9.79
N THR A 637 26.30 27.50 -8.97
CA THR A 637 25.65 26.24 -8.66
C THR A 637 24.25 26.28 -9.28
N ALA A 638 23.84 25.16 -9.88
CA ALA A 638 22.49 25.01 -10.39
C ALA A 638 21.91 23.71 -9.85
N LEU A 639 20.77 23.81 -9.17
CA LEU A 639 20.10 22.67 -8.57
C LEU A 639 19.02 22.14 -9.51
N THR A 640 18.93 20.82 -9.59
CA THR A 640 18.02 20.17 -10.51
C THR A 640 16.94 19.40 -9.76
N ASP A 641 15.93 18.96 -10.51
CA ASP A 641 14.94 18.03 -10.00
C ASP A 641 15.41 16.59 -10.10
N SER A 642 16.71 16.38 -10.27
CA SER A 642 17.28 15.05 -10.52
C SER A 642 18.29 14.64 -9.47
N ASN A 643 18.26 15.27 -8.29
CA ASN A 643 19.20 14.95 -7.22
C ASN A 643 20.64 15.07 -7.70
N ILE A 644 20.90 16.12 -8.47
CA ILE A 644 22.22 16.41 -8.99
C ILE A 644 22.53 17.86 -8.67
N VAL A 645 23.62 18.10 -7.93
CA VAL A 645 24.09 19.44 -7.67
C VAL A 645 25.07 19.78 -8.79
N SER A 646 24.58 20.50 -9.80
CA SER A 646 25.44 20.92 -10.90
C SER A 646 26.31 22.06 -10.44
N ILE A 647 27.63 21.90 -10.57
CA ILE A 647 28.58 22.92 -10.18
C ILE A 647 29.37 23.34 -11.41
N TRP A 648 29.44 24.64 -11.65
CA TRP A 648 30.15 25.23 -12.77
C TRP A 648 31.21 26.19 -12.26
N LYS A 649 32.36 26.20 -12.91
CA LYS A 649 33.41 27.17 -12.60
C LYS A 649 33.44 28.25 -13.67
N PRO B 38 27.00 -35.48 38.64
CA PRO B 38 27.51 -35.56 37.28
C PRO B 38 27.17 -34.32 36.45
N HIS B 39 27.50 -34.35 35.16
CA HIS B 39 27.20 -33.22 34.29
C HIS B 39 25.70 -33.06 34.09
N ARG B 40 25.26 -31.81 34.02
CA ARG B 40 23.85 -31.50 33.87
C ARG B 40 23.72 -30.11 33.27
N TYR B 41 23.26 -30.03 32.02
CA TYR B 41 23.02 -28.74 31.40
C TYR B 41 21.94 -27.98 32.15
N ARG B 42 22.12 -26.67 32.28
CA ARG B 42 21.15 -25.86 32.98
C ARG B 42 19.88 -25.73 32.15
N PRO B 43 18.75 -25.44 32.78
CA PRO B 43 17.51 -25.33 32.02
C PRO B 43 17.62 -24.29 30.91
N GLY B 44 17.14 -24.66 29.73
CA GLY B 44 17.14 -23.80 28.57
C GLY B 44 18.18 -24.16 27.53
N THR B 45 19.32 -24.70 27.97
CA THR B 45 20.38 -25.03 27.02
C THR B 45 19.90 -26.04 25.99
N VAL B 46 19.33 -27.15 26.46
CA VAL B 46 18.83 -28.16 25.53
C VAL B 46 17.64 -27.60 24.76
N ALA B 47 16.90 -26.66 25.34
CA ALA B 47 15.81 -26.03 24.61
C ALA B 47 16.32 -25.30 23.38
N LEU B 48 17.36 -24.47 23.55
CA LEU B 48 17.95 -23.79 22.40
C LEU B 48 18.53 -24.79 21.42
N ARG B 49 19.18 -25.84 21.93
CA ARG B 49 19.78 -26.82 21.04
C ARG B 49 18.71 -27.48 20.18
N GLU B 50 17.58 -27.83 20.77
CA GLU B 50 16.49 -28.45 20.01
C GLU B 50 15.85 -27.47 19.05
N ILE B 51 15.73 -26.19 19.44
CA ILE B 51 15.23 -25.19 18.50
C ILE B 51 16.10 -25.18 17.26
N ARG B 52 17.43 -25.10 17.45
CA ARG B 52 18.33 -25.09 16.30
C ARG B 52 18.20 -26.37 15.50
N ARG B 53 18.17 -27.52 16.19
CA ARG B 53 18.13 -28.80 15.49
C ARG B 53 16.89 -28.92 14.62
N TYR B 54 15.73 -28.58 15.15
CA TYR B 54 14.48 -28.77 14.43
C TYR B 54 14.20 -27.66 13.43
N GLN B 55 14.84 -26.51 13.56
CA GLN B 55 14.77 -25.51 12.49
C GLN B 55 15.74 -25.83 11.37
N LYS B 56 16.77 -26.63 11.64
CA LYS B 56 17.67 -27.07 10.57
C LYS B 56 17.04 -28.13 9.69
N SER B 57 16.15 -28.94 10.24
CA SER B 57 15.61 -30.09 9.53
C SER B 57 14.27 -29.75 8.88
N THR B 58 13.76 -30.72 8.12
CA THR B 58 12.48 -30.59 7.43
C THR B 58 11.59 -31.80 7.64
N GLU B 59 12.06 -32.81 8.37
CA GLU B 59 11.30 -34.03 8.55
C GLU B 59 10.07 -33.80 9.42
N LEU B 60 9.01 -34.53 9.11
CA LEU B 60 7.77 -34.41 9.86
C LEU B 60 7.97 -34.81 11.31
N LEU B 61 7.48 -33.97 12.22
CA LEU B 61 7.73 -34.14 13.64
C LEU B 61 6.70 -35.02 14.34
N ILE B 62 5.46 -35.02 13.87
CA ILE B 62 4.45 -35.92 14.43
C ILE B 62 4.66 -37.31 13.85
N ARG B 63 4.40 -38.33 14.67
CA ARG B 63 4.52 -39.71 14.21
C ARG B 63 3.43 -40.03 13.20
N LYS B 64 3.78 -40.81 12.18
CA LYS B 64 2.90 -40.98 11.03
C LYS B 64 1.70 -41.85 11.36
N LEU B 65 1.92 -42.96 12.07
CA LEU B 65 0.82 -43.87 12.37
C LEU B 65 -0.25 -43.26 13.25
N PRO B 66 0.09 -42.64 14.38
CA PRO B 66 -0.95 -41.98 15.18
C PRO B 66 -1.70 -40.91 14.42
N PHE B 67 -1.02 -40.14 13.58
CA PHE B 67 -1.70 -39.11 12.82
C PHE B 67 -2.65 -39.72 11.80
N GLN B 68 -2.24 -40.81 11.17
CA GLN B 68 -3.14 -41.49 10.24
C GLN B 68 -4.38 -41.99 10.96
N ARG B 69 -4.19 -42.56 12.15
CA ARG B 69 -5.33 -43.00 12.95
C ARG B 69 -6.26 -41.84 13.27
N LEU B 70 -5.68 -40.71 13.68
CA LEU B 70 -6.48 -39.53 14.00
C LEU B 70 -7.25 -39.04 12.79
N VAL B 71 -6.60 -38.99 11.63
CA VAL B 71 -7.24 -38.53 10.41
C VAL B 71 -8.42 -39.43 10.08
N ARG B 72 -8.23 -40.75 10.18
CA ARG B 72 -9.32 -41.66 9.87
C ARG B 72 -10.47 -41.50 10.86
N GLU B 73 -10.15 -41.33 12.15
CA GLU B 73 -11.19 -41.15 13.15
C GLU B 73 -12.01 -39.90 12.87
N ILE B 74 -11.34 -38.80 12.54
CA ILE B 74 -12.05 -37.56 12.22
C ILE B 74 -12.90 -37.75 10.97
N ALA B 75 -12.32 -38.39 9.94
CA ALA B 75 -13.03 -38.55 8.68
C ALA B 75 -14.29 -39.39 8.86
N GLN B 76 -14.22 -40.43 9.71
CA GLN B 76 -15.35 -41.34 9.82
C GLN B 76 -16.61 -40.63 10.31
N ASP B 77 -16.45 -39.52 11.02
CA ASP B 77 -17.62 -38.74 11.43
C ASP B 77 -18.28 -38.01 10.27
N PHE B 78 -17.61 -37.90 9.13
CA PHE B 78 -18.17 -37.22 7.96
C PHE B 78 -18.67 -38.19 6.90
N LYS B 79 -18.07 -39.37 6.79
CA LYS B 79 -18.53 -40.39 5.86
C LYS B 79 -17.87 -41.70 6.25
N THR B 80 -18.68 -42.73 6.50
CA THR B 80 -18.15 -44.02 6.90
C THR B 80 -17.68 -44.80 5.67
N ASP B 81 -16.85 -45.80 5.94
CA ASP B 81 -16.29 -46.66 4.89
C ASP B 81 -15.59 -45.79 3.84
N LEU B 82 -14.55 -45.10 4.31
CA LEU B 82 -13.78 -44.19 3.49
C LEU B 82 -12.35 -44.69 3.43
N ARG B 83 -11.73 -44.55 2.26
CA ARG B 83 -10.36 -44.98 2.06
C ARG B 83 -9.49 -43.76 1.77
N PHE B 84 -8.27 -43.77 2.26
CA PHE B 84 -7.35 -42.66 2.10
C PHE B 84 -6.16 -43.09 1.28
N GLN B 85 -5.83 -42.32 0.26
CA GLN B 85 -4.54 -42.44 -0.39
C GLN B 85 -3.43 -42.08 0.58
N SER B 86 -2.30 -42.78 0.47
CA SER B 86 -1.17 -42.45 1.34
C SER B 86 -0.76 -41.00 1.16
N SER B 87 -0.70 -40.54 -0.10
CA SER B 87 -0.35 -39.15 -0.36
C SER B 87 -1.33 -38.19 0.30
N ALA B 88 -2.59 -38.60 0.47
CA ALA B 88 -3.56 -37.73 1.10
C ALA B 88 -3.22 -37.50 2.57
N VAL B 89 -2.90 -38.58 3.29
CA VAL B 89 -2.50 -38.45 4.69
C VAL B 89 -1.21 -37.67 4.80
N MET B 90 -0.29 -37.86 3.84
CA MET B 90 0.94 -37.07 3.86
C MET B 90 0.66 -35.59 3.67
N ALA B 91 -0.26 -35.24 2.77
CA ALA B 91 -0.62 -33.84 2.57
C ALA B 91 -1.24 -33.28 3.83
N LEU B 92 -2.14 -34.04 4.46
CA LEU B 92 -2.77 -33.58 5.69
C LEU B 92 -1.72 -33.33 6.77
N GLN B 93 -0.75 -34.24 6.90
CA GLN B 93 0.27 -34.07 7.94
C GLN B 93 1.16 -32.88 7.65
N GLU B 94 1.57 -32.70 6.39
CA GLU B 94 2.37 -31.53 6.05
C GLU B 94 1.63 -30.24 6.39
N ALA B 95 0.37 -30.16 5.97
CA ALA B 95 -0.41 -28.95 6.25
C ALA B 95 -0.59 -28.73 7.74
N SER B 96 -0.88 -29.79 8.48
CA SER B 96 -1.11 -29.66 9.92
C SER B 96 0.14 -29.21 10.64
N GLU B 97 1.29 -29.79 10.30
CA GLU B 97 2.53 -29.39 10.94
C GLU B 97 2.89 -27.95 10.59
N ALA B 98 2.71 -27.55 9.33
CA ALA B 98 2.99 -26.17 8.97
C ALA B 98 2.10 -25.22 9.75
N TYR B 99 0.82 -25.55 9.84
CA TYR B 99 -0.12 -24.71 10.59
C TYR B 99 0.29 -24.59 12.05
N LEU B 100 0.65 -25.71 12.67
CA LEU B 100 1.01 -25.67 14.08
C LEU B 100 2.29 -24.88 14.30
N VAL B 101 3.27 -25.02 13.41
CA VAL B 101 4.51 -24.29 13.57
C VAL B 101 4.26 -22.78 13.43
N ALA B 102 3.47 -22.37 12.45
CA ALA B 102 3.15 -20.96 12.33
C ALA B 102 2.42 -20.45 13.57
N LEU B 103 1.47 -21.25 14.07
CA LEU B 103 0.74 -20.85 15.26
C LEU B 103 1.65 -20.74 16.47
N PHE B 104 2.66 -21.61 16.57
CA PHE B 104 3.60 -21.53 17.67
C PHE B 104 4.52 -20.32 17.54
N GLU B 105 4.89 -19.95 16.32
CA GLU B 105 5.63 -18.70 16.15
C GLU B 105 4.81 -17.53 16.69
N ASP B 106 3.53 -17.47 16.31
CA ASP B 106 2.65 -16.41 16.82
C ASP B 106 2.49 -16.49 18.34
N THR B 107 2.35 -17.69 18.88
CA THR B 107 2.19 -17.86 20.33
C THR B 107 3.43 -17.39 21.07
N ASN B 108 4.61 -17.72 20.54
CA ASN B 108 5.85 -17.27 21.15
C ASN B 108 5.95 -15.76 21.13
N LEU B 109 5.54 -15.15 20.02
CA LEU B 109 5.53 -13.69 19.96
C LEU B 109 4.60 -13.10 21.02
N CYS B 110 3.42 -13.71 21.19
CA CYS B 110 2.50 -13.23 22.21
C CYS B 110 3.10 -13.35 23.62
N ALA B 111 3.75 -14.48 23.89
CA ALA B 111 4.41 -14.66 25.17
C ALA B 111 5.48 -13.60 25.40
N ILE B 112 6.32 -13.34 24.40
CA ILE B 112 7.33 -12.30 24.55
C ILE B 112 6.67 -10.96 24.81
N HIS B 113 5.56 -10.71 24.12
CA HIS B 113 4.83 -9.45 24.32
C HIS B 113 4.40 -9.32 25.77
N ALA B 114 4.02 -10.41 26.40
CA ALA B 114 3.59 -10.38 27.79
C ALA B 114 4.75 -10.41 28.78
N LYS B 115 5.97 -10.09 28.35
CA LYS B 115 7.15 -10.15 29.21
C LYS B 115 7.27 -11.53 29.86
N ARG B 116 7.10 -12.56 29.04
CA ARG B 116 7.20 -13.94 29.48
C ARG B 116 8.01 -14.73 28.45
N VAL B 117 8.69 -15.76 28.95
CA VAL B 117 9.44 -16.66 28.07
C VAL B 117 8.73 -17.99 27.87
N THR B 118 7.71 -18.28 28.69
CA THR B 118 6.92 -19.49 28.56
C THR B 118 5.63 -19.19 27.82
N ILE B 119 5.25 -20.07 26.91
CA ILE B 119 4.00 -19.91 26.18
C ILE B 119 2.90 -20.65 26.93
N MET B 120 1.77 -19.99 27.09
CA MET B 120 0.62 -20.50 27.84
C MET B 120 -0.60 -20.54 26.95
N PRO B 121 -1.65 -21.24 27.36
CA PRO B 121 -2.85 -21.34 26.52
C PRO B 121 -3.42 -19.99 26.10
N LYS B 122 -3.39 -19.00 26.98
CA LYS B 122 -3.93 -17.69 26.61
C LYS B 122 -3.16 -17.10 25.43
N ASP B 123 -1.89 -17.45 25.28
CA ASP B 123 -1.13 -16.98 24.13
C ASP B 123 -1.69 -17.54 22.83
N ILE B 124 -1.97 -18.84 22.81
CA ILE B 124 -2.56 -19.44 21.62
C ILE B 124 -3.91 -18.81 21.34
N GLN B 125 -4.71 -18.59 22.38
CA GLN B 125 -6.03 -18.01 22.18
C GLN B 125 -5.92 -16.62 21.57
N LEU B 126 -5.02 -15.79 22.08
CA LEU B 126 -4.84 -14.46 21.51
C LEU B 126 -4.39 -14.55 20.07
N ALA B 127 -3.41 -15.41 19.78
CA ALA B 127 -2.93 -15.55 18.43
C ALA B 127 -4.07 -15.89 17.49
N ARG B 128 -4.87 -16.89 17.86
CA ARG B 128 -5.94 -17.34 16.98
C ARG B 128 -7.02 -16.27 16.84
N ARG B 129 -7.30 -15.53 17.92
CA ARG B 129 -8.30 -14.48 17.81
C ARG B 129 -7.84 -13.39 16.86
N ILE B 130 -6.56 -13.03 16.89
CA ILE B 130 -6.07 -12.00 15.97
C ILE B 130 -6.01 -12.54 14.55
N ARG B 131 -5.73 -13.84 14.39
CA ARG B 131 -5.64 -14.43 13.06
C ARG B 131 -6.99 -14.56 12.37
N GLY B 132 -8.09 -14.40 13.10
CA GLY B 132 -9.40 -14.59 12.52
C GLY B 132 -9.91 -16.00 12.59
N GLU B 133 -9.43 -16.79 13.55
CA GLU B 133 -9.81 -18.20 13.66
C GLU B 133 -10.80 -18.40 14.81
N ASP C 24 -10.02 -42.10 21.08
CA ASP C 24 -8.99 -41.40 21.84
C ASP C 24 -7.68 -41.38 21.08
N ASN C 25 -7.76 -41.19 19.77
CA ASN C 25 -6.55 -41.14 18.95
C ASN C 25 -5.90 -39.77 18.96
N ILE C 26 -6.57 -38.75 19.49
CA ILE C 26 -5.95 -37.44 19.62
C ILE C 26 -4.76 -37.51 20.57
N GLN C 27 -4.83 -38.39 21.57
CA GLN C 27 -3.70 -38.60 22.46
C GLN C 27 -2.50 -39.20 21.74
N GLY C 28 -2.69 -39.75 20.54
CA GLY C 28 -1.57 -40.20 19.75
C GLY C 28 -0.63 -39.09 19.39
N ILE C 29 -1.09 -37.85 19.43
CA ILE C 29 -0.22 -36.70 19.25
C ILE C 29 0.47 -36.46 20.59
N THR C 30 1.63 -37.08 20.76
CA THR C 30 2.25 -37.15 22.08
C THR C 30 2.73 -35.78 22.52
N LYS C 31 3.02 -35.69 23.82
CA LYS C 31 3.62 -34.47 24.36
C LYS C 31 4.92 -34.13 23.67
N PRO C 32 5.87 -35.06 23.48
CA PRO C 32 7.08 -34.71 22.72
C PRO C 32 6.80 -34.26 21.29
N ALA C 33 5.77 -34.76 20.63
CA ALA C 33 5.47 -34.29 19.28
C ALA C 33 5.13 -32.81 19.28
N ILE C 34 4.27 -32.40 20.21
CA ILE C 34 3.92 -30.98 20.31
C ILE C 34 5.14 -30.18 20.74
N ARG C 35 5.97 -30.76 21.60
CA ARG C 35 7.18 -30.07 22.01
C ARG C 35 8.09 -29.80 20.82
N ARG C 36 8.28 -30.79 19.96
CA ARG C 36 9.11 -30.60 18.77
C ARG C 36 8.49 -29.58 17.83
N LEU C 37 7.17 -29.63 17.65
CA LEU C 37 6.52 -28.63 16.82
C LEU C 37 6.76 -27.23 17.37
N ALA C 38 6.67 -27.07 18.68
CA ALA C 38 6.95 -25.77 19.29
C ALA C 38 8.40 -25.36 19.09
N ARG C 39 9.32 -26.33 19.20
CA ARG C 39 10.73 -26.03 19.03
C ARG C 39 11.01 -25.51 17.62
N ARG C 40 10.41 -26.15 16.61
CA ARG C 40 10.57 -25.63 15.26
C ARG C 40 9.98 -24.23 15.14
N GLY C 41 9.04 -23.88 16.01
CA GLY C 41 8.48 -22.55 16.05
C GLY C 41 9.26 -21.56 16.88
N GLY C 42 10.39 -21.97 17.44
CA GLY C 42 11.22 -21.08 18.23
C GLY C 42 10.85 -20.98 19.69
N VAL C 43 10.00 -21.88 20.20
CA VAL C 43 9.54 -21.80 21.58
C VAL C 43 10.56 -22.46 22.48
N LYS C 44 10.93 -21.78 23.57
CA LYS C 44 11.93 -22.25 24.49
C LYS C 44 11.35 -22.92 25.72
N ARG C 45 10.25 -22.39 26.25
CA ARG C 45 9.62 -22.93 27.45
C ARG C 45 8.14 -23.10 27.19
N ILE C 46 7.59 -24.25 27.58
CA ILE C 46 6.23 -24.65 27.24
C ILE C 46 5.48 -24.98 28.51
N SER C 47 4.28 -24.41 28.64
CA SER C 47 3.44 -24.66 29.80
C SER C 47 2.75 -26.01 29.68
N GLY C 48 2.40 -26.58 30.85
CA GLY C 48 1.83 -27.90 30.87
C GLY C 48 0.44 -27.99 30.29
N LEU C 49 -0.28 -26.87 30.26
CA LEU C 49 -1.61 -26.82 29.68
C LEU C 49 -1.59 -26.60 28.17
N ILE C 50 -0.42 -26.36 27.59
CA ILE C 50 -0.33 -26.11 26.16
C ILE C 50 -0.75 -27.34 25.37
N TYR C 51 -0.57 -28.53 25.94
CA TYR C 51 -0.71 -29.76 25.15
C TYR C 51 -2.16 -30.00 24.76
N GLU C 52 -3.09 -29.89 25.70
CA GLU C 52 -4.49 -30.09 25.37
C GLU C 52 -5.01 -28.99 24.47
N GLU C 53 -4.57 -27.75 24.68
CA GLU C 53 -4.96 -26.67 23.79
C GLU C 53 -4.50 -26.96 22.36
N THR C 54 -3.27 -27.43 22.20
CA THR C 54 -2.75 -27.73 20.88
C THR C 54 -3.50 -28.89 20.26
N ARG C 55 -3.85 -29.89 21.06
CA ARG C 55 -4.63 -31.00 20.52
C ARG C 55 -5.97 -30.53 20.00
N GLY C 56 -6.65 -29.67 20.75
CA GLY C 56 -7.91 -29.13 20.28
C GLY C 56 -7.76 -28.31 19.00
N VAL C 57 -6.71 -27.49 18.95
CA VAL C 57 -6.47 -26.67 17.76
C VAL C 57 -6.25 -27.56 16.54
N LEU C 58 -5.39 -28.56 16.69
CA LEU C 58 -5.11 -29.48 15.59
C LEU C 58 -6.39 -30.21 15.16
N LYS C 59 -7.21 -30.60 16.13
CA LYS C 59 -8.45 -31.29 15.81
C LYS C 59 -9.38 -30.41 15.00
N VAL C 60 -9.51 -29.13 15.36
CA VAL C 60 -10.39 -28.25 14.60
C VAL C 60 -9.86 -28.07 13.19
N PHE C 61 -8.55 -27.88 13.04
CA PHE C 61 -7.98 -27.71 11.71
C PHE C 61 -8.24 -28.94 10.86
N LEU C 62 -8.00 -30.13 11.43
CA LEU C 62 -8.23 -31.35 10.67
C LEU C 62 -9.70 -31.54 10.36
N GLU C 63 -10.59 -31.18 11.27
CA GLU C 63 -12.01 -31.30 10.99
C GLU C 63 -12.40 -30.46 9.79
N ASN C 64 -11.97 -29.20 9.75
CA ASN C 64 -12.29 -28.35 8.62
C ASN C 64 -11.73 -28.91 7.32
N VAL C 65 -10.44 -29.21 7.31
CA VAL C 65 -9.79 -29.65 6.07
C VAL C 65 -10.41 -30.95 5.59
N ILE C 66 -10.64 -31.90 6.50
CA ILE C 66 -11.14 -33.21 6.12
C ILE C 66 -12.60 -33.13 5.71
N ARG C 67 -13.37 -32.23 6.30
CA ARG C 67 -14.74 -32.02 5.83
C ARG C 67 -14.72 -31.57 4.37
N ASP C 68 -13.87 -30.58 4.06
CA ASP C 68 -13.79 -30.12 2.67
C ASP C 68 -13.33 -31.24 1.74
N ALA C 69 -12.30 -31.98 2.16
CA ALA C 69 -11.76 -33.04 1.30
C ALA C 69 -12.82 -34.11 1.04
N VAL C 70 -13.57 -34.49 2.07
CA VAL C 70 -14.57 -35.53 1.90
C VAL C 70 -15.76 -35.02 1.10
N THR C 71 -16.08 -33.73 1.18
CA THR C 71 -17.10 -33.18 0.29
C THR C 71 -16.67 -33.31 -1.16
N TYR C 72 -15.40 -32.97 -1.45
CA TYR C 72 -14.90 -33.12 -2.81
C TYR C 72 -14.91 -34.59 -3.23
N THR C 73 -14.52 -35.49 -2.33
CA THR C 73 -14.51 -36.91 -2.66
C THR C 73 -15.91 -37.42 -2.96
N GLU C 74 -16.90 -36.98 -2.18
CA GLU C 74 -18.28 -37.39 -2.43
C GLU C 74 -18.78 -36.85 -3.76
N HIS C 75 -18.42 -35.61 -4.11
CA HIS C 75 -18.87 -35.07 -5.38
C HIS C 75 -18.36 -35.91 -6.54
N ALA C 76 -17.12 -36.35 -6.47
CA ALA C 76 -16.57 -37.20 -7.52
C ALA C 76 -17.14 -38.60 -7.51
N LYS C 77 -18.06 -38.91 -6.59
CA LYS C 77 -18.63 -40.24 -6.46
C LYS C 77 -17.54 -41.28 -6.16
N ARG C 78 -16.58 -40.88 -5.33
CA ARG C 78 -15.46 -41.73 -4.95
C ARG C 78 -15.54 -42.05 -3.47
N LYS C 79 -15.07 -43.26 -3.12
CA LYS C 79 -14.96 -43.69 -1.74
C LYS C 79 -13.55 -43.54 -1.21
N THR C 80 -12.64 -42.96 -1.98
CA THR C 80 -11.26 -42.76 -1.60
C THR C 80 -10.96 -41.27 -1.58
N VAL C 81 -10.26 -40.82 -0.55
CA VAL C 81 -9.82 -39.43 -0.48
C VAL C 81 -8.43 -39.35 -1.09
N THR C 82 -8.30 -38.55 -2.14
CA THR C 82 -7.07 -38.39 -2.88
C THR C 82 -6.30 -37.19 -2.35
N ALA C 83 -5.00 -37.16 -2.67
CA ALA C 83 -4.19 -36.00 -2.28
C ALA C 83 -4.73 -34.74 -2.91
N MET C 84 -5.33 -34.84 -4.08
CA MET C 84 -5.89 -33.67 -4.75
C MET C 84 -7.10 -33.13 -4.02
N ASP C 85 -7.91 -33.99 -3.42
CA ASP C 85 -9.01 -33.49 -2.60
C ASP C 85 -8.49 -32.66 -1.44
N VAL C 86 -7.44 -33.13 -0.78
CA VAL C 86 -6.84 -32.38 0.31
C VAL C 86 -6.26 -31.07 -0.21
N VAL C 87 -5.60 -31.11 -1.35
CA VAL C 87 -5.01 -29.89 -1.91
C VAL C 87 -6.10 -28.87 -2.20
N TYR C 88 -7.21 -29.34 -2.78
CA TYR C 88 -8.31 -28.43 -3.08
C TYR C 88 -8.92 -27.87 -1.81
N ALA C 89 -9.07 -28.70 -0.77
CA ALA C 89 -9.59 -28.20 0.49
C ALA C 89 -8.67 -27.13 1.09
N LEU C 90 -7.37 -27.40 1.07
CA LEU C 90 -6.43 -26.43 1.62
C LEU C 90 -6.45 -25.12 0.84
N LYS C 91 -6.49 -25.20 -0.49
CA LYS C 91 -6.58 -23.98 -1.28
C LYS C 91 -7.88 -23.25 -0.98
N ARG C 92 -8.97 -23.99 -0.81
CA ARG C 92 -10.23 -23.41 -0.37
C ARG C 92 -10.04 -22.58 0.88
N GLN C 93 -9.38 -23.15 1.89
CA GLN C 93 -9.17 -22.45 3.14
C GLN C 93 -8.00 -21.46 3.10
N GLY C 94 -7.48 -21.15 1.92
CA GLY C 94 -6.35 -20.25 1.83
C GLY C 94 -5.07 -20.80 2.42
N ARG C 95 -4.79 -22.08 2.17
CA ARG C 95 -3.58 -22.73 2.65
C ARG C 95 -2.95 -23.55 1.53
N THR C 96 -2.80 -22.93 0.37
CA THR C 96 -2.25 -23.61 -0.79
C THR C 96 -1.04 -24.45 -0.39
N LEU C 97 -1.03 -25.68 -0.87
CA LEU C 97 0.03 -26.64 -0.57
C LEU C 97 0.67 -27.10 -1.86
N TYR C 98 1.99 -26.98 -1.93
CA TYR C 98 2.77 -27.42 -3.07
C TYR C 98 3.44 -28.75 -2.75
N GLY C 99 3.74 -29.52 -3.78
CA GLY C 99 4.41 -30.79 -3.62
C GLY C 99 3.53 -32.01 -3.68
N PHE C 100 2.27 -31.86 -4.06
CA PHE C 100 1.37 -33.00 -4.19
C PHE C 100 0.49 -32.92 -5.42
N GLY C 101 0.84 -32.13 -6.42
CA GLY C 101 0.06 -31.97 -7.62
C GLY C 101 -0.56 -30.58 -7.72
N GLY C 102 -1.35 -30.41 -8.78
CA GLY C 102 -2.17 -29.23 -8.94
C GLY C 102 -1.46 -28.02 -9.52
N ARG D 11 -49.82 -19.94 -29.31
CA ARG D 11 -49.07 -20.82 -28.42
C ARG D 11 -49.63 -20.74 -27.00
N ALA D 12 -48.83 -21.17 -26.02
CA ALA D 12 -49.24 -21.18 -24.63
C ALA D 12 -48.70 -19.96 -23.90
N LYS D 13 -49.40 -19.59 -22.83
CA LYS D 13 -48.96 -18.48 -22.00
C LYS D 13 -47.65 -18.83 -21.30
N ALA D 14 -46.84 -17.80 -21.05
CA ALA D 14 -45.56 -17.97 -20.39
C ALA D 14 -45.74 -17.93 -18.88
N LYS D 15 -45.23 -18.96 -18.20
CA LYS D 15 -45.35 -19.04 -16.74
C LYS D 15 -44.21 -18.35 -16.02
N THR D 16 -43.03 -18.25 -16.65
CA THR D 16 -41.82 -17.74 -16.01
C THR D 16 -41.22 -18.83 -15.14
N ARG D 17 -39.92 -19.08 -15.29
CA ARG D 17 -39.29 -20.20 -14.59
C ARG D 17 -39.34 -20.03 -13.09
N SER D 18 -39.29 -18.78 -12.60
CA SER D 18 -39.38 -18.56 -11.16
C SER D 18 -40.73 -19.01 -10.63
N SER D 19 -41.79 -18.78 -11.39
CA SER D 19 -43.11 -19.25 -10.97
C SER D 19 -43.15 -20.76 -10.88
N ARG D 20 -42.52 -21.45 -11.84
CA ARG D 20 -42.49 -22.90 -11.79
C ARG D 20 -41.77 -23.41 -10.55
N ALA D 21 -40.67 -22.75 -10.18
CA ALA D 21 -39.89 -23.15 -9.02
C ALA D 21 -40.43 -22.55 -7.72
N GLY D 22 -41.50 -21.76 -7.80
CA GLY D 22 -42.05 -21.15 -6.61
C GLY D 22 -41.12 -20.19 -5.93
N LEU D 23 -40.24 -19.54 -6.69
CA LEU D 23 -39.25 -18.63 -6.14
C LEU D 23 -39.64 -17.19 -6.42
N GLN D 24 -38.96 -16.27 -5.73
CA GLN D 24 -39.09 -14.85 -6.00
C GLN D 24 -37.90 -14.27 -6.75
N PHE D 25 -36.73 -14.91 -6.68
CA PHE D 25 -35.58 -14.46 -7.43
C PHE D 25 -35.66 -14.93 -8.87
N PRO D 26 -35.00 -14.23 -9.79
CA PRO D 26 -35.16 -14.54 -11.22
C PRO D 26 -34.33 -15.73 -11.64
N VAL D 27 -35.01 -16.83 -11.98
CA VAL D 27 -34.32 -18.01 -12.48
C VAL D 27 -33.73 -17.73 -13.86
N GLY D 28 -34.46 -17.02 -14.71
CA GLY D 28 -33.95 -16.73 -16.04
C GLY D 28 -32.74 -15.82 -16.01
N ARG D 29 -32.79 -14.78 -15.18
CA ARG D 29 -31.64 -13.88 -15.06
C ARG D 29 -30.44 -14.61 -14.49
N VAL D 30 -30.66 -15.48 -13.50
CA VAL D 30 -29.54 -16.24 -12.94
C VAL D 30 -28.96 -17.18 -13.97
N HIS D 31 -29.82 -17.79 -14.79
CA HIS D 31 -29.32 -18.64 -15.86
C HIS D 31 -28.47 -17.86 -16.84
N ARG D 32 -28.93 -16.67 -17.21
CA ARG D 32 -28.14 -15.84 -18.12
C ARG D 32 -26.82 -15.45 -17.49
N LEU D 33 -26.82 -15.15 -16.20
CA LEU D 33 -25.58 -14.77 -15.53
C LEU D 33 -24.60 -15.93 -15.47
N LEU D 34 -25.09 -17.14 -15.23
CA LEU D 34 -24.21 -18.31 -15.28
C LEU D 34 -23.68 -18.54 -16.69
N ARG D 35 -24.53 -18.36 -17.70
CA ARG D 35 -24.11 -18.62 -19.07
C ARG D 35 -23.17 -17.55 -19.61
N LYS D 36 -23.19 -16.36 -19.03
CA LYS D 36 -22.34 -15.27 -19.48
C LYS D 36 -21.19 -14.97 -18.54
N GLY D 37 -21.13 -15.62 -17.38
CA GLY D 37 -20.04 -15.42 -16.46
C GLY D 37 -18.81 -16.22 -16.76
N ASN D 38 -18.84 -17.06 -17.79
CA ASN D 38 -17.71 -17.92 -18.14
C ASN D 38 -17.35 -18.83 -16.98
N TYR D 39 -18.35 -19.57 -16.49
CA TYR D 39 -18.14 -20.56 -15.46
C TYR D 39 -18.02 -21.96 -16.01
N ALA D 40 -18.67 -22.24 -17.12
CA ALA D 40 -18.57 -23.53 -17.77
C ALA D 40 -19.13 -23.40 -19.17
N GLU D 41 -18.68 -24.30 -20.05
CA GLU D 41 -19.17 -24.29 -21.42
C GLU D 41 -20.66 -24.55 -21.48
N ARG D 42 -21.19 -25.31 -20.53
CA ARG D 42 -22.59 -25.65 -20.49
C ARG D 42 -23.13 -25.43 -19.09
N VAL D 43 -24.40 -25.02 -19.00
CA VAL D 43 -25.09 -24.81 -17.74
C VAL D 43 -26.40 -25.56 -17.79
N GLY D 44 -26.68 -26.36 -16.77
CA GLY D 44 -27.87 -27.18 -16.76
C GLY D 44 -29.12 -26.40 -16.44
N ALA D 45 -30.25 -27.04 -16.69
CA ALA D 45 -31.54 -26.40 -16.42
C ALA D 45 -31.78 -26.22 -14.93
N GLY D 46 -31.29 -27.15 -14.10
CA GLY D 46 -31.51 -27.05 -12.67
C GLY D 46 -30.57 -26.10 -11.96
N ALA D 47 -29.44 -25.76 -12.57
CA ALA D 47 -28.48 -24.89 -11.89
C ALA D 47 -29.07 -23.55 -11.52
N PRO D 48 -29.71 -22.80 -12.43
CA PRO D 48 -30.27 -21.52 -12.02
C PRO D 48 -31.34 -21.63 -10.94
N VAL D 49 -32.17 -22.67 -10.98
CA VAL D 49 -33.20 -22.83 -9.97
C VAL D 49 -32.59 -22.99 -8.59
N TYR D 50 -31.58 -23.87 -8.49
CA TYR D 50 -30.93 -24.10 -7.21
C TYR D 50 -30.24 -22.85 -6.72
N LEU D 51 -29.49 -22.18 -7.59
CA LEU D 51 -28.75 -20.99 -7.16
C LEU D 51 -29.73 -19.89 -6.73
N ALA D 52 -30.81 -19.70 -7.47
CA ALA D 52 -31.78 -18.69 -7.11
C ALA D 52 -32.44 -19.02 -5.77
N ALA D 53 -32.77 -20.28 -5.54
CA ALA D 53 -33.35 -20.67 -4.26
C ALA D 53 -32.39 -20.40 -3.11
N VAL D 54 -31.11 -20.72 -3.31
CA VAL D 54 -30.13 -20.51 -2.24
C VAL D 54 -30.00 -19.02 -1.94
N LEU D 55 -29.89 -18.19 -2.97
CA LEU D 55 -29.77 -16.76 -2.77
C LEU D 55 -31.01 -16.20 -2.09
N GLU D 56 -32.19 -16.70 -2.49
CA GLU D 56 -33.42 -16.25 -1.86
C GLU D 56 -33.45 -16.60 -0.38
N TYR D 57 -33.00 -17.81 -0.02
CA TYR D 57 -33.01 -18.19 1.38
C TYR D 57 -32.03 -17.35 2.19
N LEU D 58 -30.83 -17.12 1.66
CA LEU D 58 -29.88 -16.28 2.38
C LEU D 58 -30.42 -14.86 2.55
N THR D 59 -31.07 -14.35 1.50
CA THR D 59 -31.68 -13.03 1.58
C THR D 59 -32.76 -13.00 2.64
N ALA D 60 -33.57 -14.06 2.72
CA ALA D 60 -34.60 -14.12 3.75
C ALA D 60 -34.00 -14.11 5.14
N GLU D 61 -32.92 -14.86 5.35
CA GLU D 61 -32.29 -14.90 6.67
C GLU D 61 -31.80 -13.52 7.07
N ILE D 62 -31.02 -12.88 6.20
CA ILE D 62 -30.48 -11.56 6.55
C ILE D 62 -31.60 -10.58 6.79
N LEU D 63 -32.64 -10.60 5.94
CA LEU D 63 -33.73 -9.64 6.10
C LEU D 63 -34.50 -9.88 7.40
N GLU D 64 -34.73 -11.15 7.75
CA GLU D 64 -35.42 -11.44 9.00
C GLU D 64 -34.65 -10.86 10.17
N LEU D 65 -33.34 -11.13 10.23
CA LEU D 65 -32.56 -10.61 11.34
C LEU D 65 -32.54 -9.08 11.34
N ALA D 66 -32.41 -8.47 10.15
CA ALA D 66 -32.31 -7.01 10.08
C ALA D 66 -33.62 -6.35 10.49
N GLY D 67 -34.75 -6.91 10.06
CA GLY D 67 -36.03 -6.37 10.48
C GLY D 67 -36.26 -6.52 11.96
N ASN D 68 -35.84 -7.64 12.53
CA ASN D 68 -35.87 -7.78 13.98
C ASN D 68 -35.05 -6.68 14.64
N ALA D 69 -33.87 -6.39 14.09
CA ALA D 69 -33.03 -5.33 14.63
C ALA D 69 -33.73 -3.98 14.55
N ALA D 70 -34.37 -3.70 13.42
CA ALA D 70 -35.07 -2.42 13.26
C ALA D 70 -36.20 -2.30 14.28
N ARG D 71 -36.96 -3.39 14.46
CA ARG D 71 -38.01 -3.38 15.46
C ARG D 71 -37.45 -3.11 16.85
N ASP D 72 -36.35 -3.78 17.21
CA ASP D 72 -35.70 -3.52 18.48
C ASP D 72 -35.23 -2.07 18.58
N ASN D 73 -34.96 -1.43 17.45
CA ASN D 73 -34.54 -0.04 17.41
C ASN D 73 -35.69 0.92 17.14
N LYS D 74 -36.93 0.43 17.19
CA LYS D 74 -38.12 1.27 17.06
C LYS D 74 -38.08 2.06 15.74
N LYS D 75 -37.78 1.35 14.66
CA LYS D 75 -37.74 1.92 13.32
C LYS D 75 -38.53 1.01 12.40
N THR D 76 -39.01 1.58 11.30
CA THR D 76 -39.78 0.82 10.32
C THR D 76 -39.06 0.66 8.98
N ARG D 77 -37.79 1.06 8.89
CA ARG D 77 -37.00 0.87 7.70
C ARG D 77 -35.61 0.37 8.05
N ILE D 78 -35.07 -0.50 7.20
CA ILE D 78 -33.78 -1.11 7.45
C ILE D 78 -32.70 -0.20 6.89
N ILE D 79 -31.80 0.25 7.76
CA ILE D 79 -30.62 1.00 7.35
C ILE D 79 -29.42 0.08 7.50
N PRO D 80 -28.25 0.44 7.01
CA PRO D 80 -27.10 -0.46 7.13
C PRO D 80 -26.77 -0.88 8.55
N ARG D 81 -27.08 -0.07 9.57
CA ARG D 81 -26.79 -0.50 10.93
C ARG D 81 -27.53 -1.78 11.27
N HIS D 82 -28.78 -1.90 10.84
CA HIS D 82 -29.57 -3.07 11.16
C HIS D 82 -29.00 -4.31 10.48
N LEU D 83 -28.55 -4.18 9.24
CA LEU D 83 -27.88 -5.30 8.57
C LEU D 83 -26.60 -5.67 9.30
N GLN D 84 -25.82 -4.69 9.72
CA GLN D 84 -24.58 -5.00 10.45
C GLN D 84 -24.88 -5.74 11.74
N LEU D 85 -25.88 -5.28 12.50
CA LEU D 85 -26.24 -5.96 13.73
C LEU D 85 -26.70 -7.38 13.45
N ALA D 86 -27.55 -7.56 12.43
CA ALA D 86 -28.03 -8.89 12.10
C ALA D 86 -26.87 -9.81 11.76
N VAL D 87 -25.94 -9.34 10.94
CA VAL D 87 -24.84 -10.19 10.52
C VAL D 87 -23.94 -10.53 11.69
N ARG D 88 -23.55 -9.55 12.48
CA ARG D 88 -22.54 -9.79 13.51
C ARG D 88 -23.10 -10.46 14.75
N ASN D 89 -24.42 -10.40 14.97
CA ASN D 89 -25.01 -11.14 16.08
C ASN D 89 -25.36 -12.58 15.72
N ASP D 90 -25.28 -12.95 14.45
CA ASP D 90 -25.48 -14.34 14.03
C ASP D 90 -24.13 -14.97 13.73
N GLU D 91 -23.85 -16.09 14.38
CA GLU D 91 -22.54 -16.72 14.25
C GLU D 91 -22.27 -17.16 12.83
N GLU D 92 -23.26 -17.79 12.19
CA GLU D 92 -23.04 -18.37 10.87
C GLU D 92 -22.95 -17.30 9.80
N LEU D 93 -23.79 -16.26 9.87
CA LEU D 93 -23.67 -15.17 8.91
C LEU D 93 -22.36 -14.42 9.12
N ASN D 94 -21.95 -14.23 10.37
CA ASN D 94 -20.66 -13.60 10.62
C ASN D 94 -19.54 -14.41 10.01
N LYS D 95 -19.60 -15.73 10.13
CA LYS D 95 -18.59 -16.57 9.48
C LYS D 95 -18.63 -16.42 7.97
N LEU D 96 -19.83 -16.38 7.40
CA LEU D 96 -19.96 -16.22 5.96
C LEU D 96 -19.44 -14.86 5.51
N LEU D 97 -19.87 -13.79 6.16
CA LEU D 97 -19.39 -12.45 5.88
C LEU D 97 -18.29 -12.07 6.87
N GLY D 98 -17.17 -12.78 6.75
CA GLY D 98 -16.06 -12.56 7.64
C GLY D 98 -15.12 -11.46 7.16
N ARG D 99 -14.78 -11.49 5.88
CA ARG D 99 -13.91 -10.50 5.25
C ARG D 99 -14.72 -9.45 4.51
N VAL D 100 -15.88 -9.10 5.05
CA VAL D 100 -16.80 -8.15 4.43
C VAL D 100 -16.99 -6.98 5.37
N THR D 101 -16.92 -5.77 4.83
CA THR D 101 -17.22 -4.56 5.58
C THR D 101 -18.45 -3.90 4.98
N ILE D 102 -19.42 -3.60 5.83
CA ILE D 102 -20.69 -3.01 5.41
C ILE D 102 -20.62 -1.51 5.65
N ALA D 103 -20.95 -0.73 4.62
CA ALA D 103 -20.91 0.71 4.74
C ALA D 103 -21.96 1.20 5.73
N GLN D 104 -21.56 2.15 6.56
CA GLN D 104 -22.46 2.77 7.54
C GLN D 104 -23.04 1.73 8.49
N GLY D 105 -22.23 0.73 8.83
CA GLY D 105 -22.68 -0.34 9.70
C GLY D 105 -22.19 -0.20 11.12
N GLY D 106 -21.00 0.35 11.30
CA GLY D 106 -20.49 0.47 12.63
C GLY D 106 -20.05 -0.87 13.18
N VAL D 107 -20.00 -0.94 14.51
CA VAL D 107 -19.52 -2.12 15.21
C VAL D 107 -20.52 -2.48 16.31
N LEU D 108 -20.47 -3.74 16.71
CA LEU D 108 -21.27 -4.17 17.85
C LEU D 108 -20.75 -3.51 19.12
N PRO D 109 -21.63 -3.13 20.04
CA PRO D 109 -21.15 -2.69 21.35
C PRO D 109 -20.37 -3.79 22.05
N ASN D 110 -19.16 -3.46 22.49
CA ASN D 110 -18.33 -4.42 23.21
C ASN D 110 -17.24 -3.65 23.94
N ILE D 111 -17.25 -3.74 25.27
CA ILE D 111 -16.21 -3.16 26.11
C ILE D 111 -15.61 -4.29 26.92
N GLN D 112 -14.29 -4.39 26.90
CA GLN D 112 -13.61 -5.45 27.64
C GLN D 112 -13.86 -5.28 29.14
N SER D 113 -13.90 -6.42 29.84
CA SER D 113 -14.23 -6.39 31.26
C SER D 113 -13.23 -5.57 32.04
N VAL D 114 -11.94 -5.68 31.70
CA VAL D 114 -10.92 -5.03 32.50
C VAL D 114 -11.06 -3.52 32.44
N LEU D 115 -11.51 -2.98 31.30
CA LEU D 115 -11.60 -1.53 31.14
C LEU D 115 -12.73 -0.91 31.94
N LEU D 116 -13.70 -1.68 32.40
CA LEU D 116 -14.77 -1.13 33.22
C LEU D 116 -14.26 -0.77 34.60
N PRO D 117 -14.95 0.11 35.32
CA PRO D 117 -14.51 0.48 36.66
C PRO D 117 -14.61 -0.67 37.64
N LYS D 118 -13.70 -0.69 38.60
CA LYS D 118 -13.69 -1.73 39.62
C LYS D 118 -14.70 -1.43 40.71
N LYS E 28 -31.14 6.76 -20.11
CA LYS E 28 -29.92 6.03 -19.76
C LYS E 28 -29.97 4.63 -20.37
N THR E 29 -29.01 3.80 -19.98
CA THR E 29 -28.97 2.41 -20.41
C THR E 29 -29.44 1.53 -19.25
N ARG E 30 -30.35 0.61 -19.56
CA ARG E 30 -30.95 -0.24 -18.54
C ARG E 30 -29.89 -0.89 -17.68
N LYS E 31 -29.90 -0.59 -16.39
CA LYS E 31 -29.07 -1.26 -15.41
C LYS E 31 -29.91 -2.29 -14.66
N GLU E 32 -29.27 -3.36 -14.21
CA GLU E 32 -29.95 -4.47 -13.58
C GLU E 32 -29.52 -4.60 -12.13
N SER E 33 -30.48 -4.92 -11.27
CA SER E 33 -30.24 -5.08 -9.85
C SER E 33 -31.31 -5.99 -9.28
N TYR E 34 -31.03 -6.53 -8.08
CA TYR E 34 -31.94 -7.40 -7.37
C TYR E 34 -32.88 -6.64 -6.44
N ALA E 35 -33.16 -5.38 -6.72
CA ALA E 35 -33.96 -4.58 -5.80
C ALA E 35 -35.38 -5.14 -5.67
N ILE E 36 -36.02 -5.43 -6.79
CA ILE E 36 -37.41 -5.88 -6.73
C ILE E 36 -37.53 -7.20 -5.99
N TYR E 37 -36.56 -8.09 -6.20
CA TYR E 37 -36.65 -9.40 -5.57
C TYR E 37 -36.36 -9.32 -4.08
N VAL E 38 -35.39 -8.50 -3.69
CA VAL E 38 -35.12 -8.29 -2.27
C VAL E 38 -36.34 -7.68 -1.61
N TYR E 39 -37.02 -6.77 -2.31
CA TYR E 39 -38.22 -6.16 -1.74
C TYR E 39 -39.34 -7.19 -1.57
N LYS E 40 -39.52 -8.06 -2.58
CA LYS E 40 -40.53 -9.09 -2.45
C LYS E 40 -40.24 -10.01 -1.27
N VAL E 41 -38.97 -10.42 -1.12
CA VAL E 41 -38.62 -11.32 -0.03
C VAL E 41 -38.81 -10.62 1.30
N LEU E 42 -38.51 -9.32 1.37
CA LEU E 42 -38.71 -8.58 2.60
C LEU E 42 -40.18 -8.53 2.98
N LYS E 43 -41.05 -8.27 2.00
CA LYS E 43 -42.48 -8.26 2.29
C LYS E 43 -42.97 -9.65 2.68
N GLN E 44 -42.32 -10.69 2.20
CA GLN E 44 -42.60 -12.02 2.72
C GLN E 44 -42.27 -12.11 4.20
N VAL E 45 -41.00 -11.93 4.55
CA VAL E 45 -40.57 -12.17 5.92
C VAL E 45 -41.21 -11.16 6.88
N HIS E 46 -41.19 -9.88 6.52
CA HIS E 46 -41.70 -8.80 7.36
C HIS E 46 -42.61 -7.93 6.52
N PRO E 47 -43.91 -8.19 6.52
CA PRO E 47 -44.80 -7.43 5.62
C PRO E 47 -44.81 -5.92 5.87
N ASP E 48 -44.79 -5.49 7.13
CA ASP E 48 -44.92 -4.07 7.46
C ASP E 48 -43.55 -3.45 7.76
N THR E 49 -42.63 -3.53 6.80
CA THR E 49 -41.33 -2.90 6.98
C THR E 49 -40.76 -2.51 5.62
N GLY E 50 -39.87 -1.52 5.65
CA GLY E 50 -39.27 -1.01 4.44
C GLY E 50 -37.77 -1.14 4.45
N ILE E 51 -37.10 -0.53 3.48
CA ILE E 51 -35.65 -0.61 3.39
C ILE E 51 -35.15 0.64 2.68
N SER E 52 -34.02 1.16 3.14
CA SER E 52 -33.43 2.36 2.57
C SER E 52 -32.59 2.01 1.35
N SER E 53 -32.23 3.04 0.58
CA SER E 53 -31.46 2.82 -0.63
C SER E 53 -30.09 2.23 -0.32
N LYS E 54 -29.44 2.70 0.75
CA LYS E 54 -28.14 2.16 1.12
C LYS E 54 -28.25 0.70 1.51
N ALA E 55 -29.29 0.35 2.26
CA ALA E 55 -29.49 -1.05 2.63
C ALA E 55 -29.80 -1.89 1.39
N MET E 56 -30.53 -1.32 0.44
CA MET E 56 -30.78 -2.04 -0.80
C MET E 56 -29.50 -2.26 -1.57
N SER E 57 -28.60 -1.28 -1.58
CA SER E 57 -27.31 -1.46 -2.24
C SER E 57 -26.50 -2.54 -1.55
N ILE E 58 -26.49 -2.55 -0.22
CA ILE E 58 -25.77 -3.59 0.51
C ILE E 58 -26.34 -4.96 0.18
N MET E 59 -27.67 -5.08 0.11
CA MET E 59 -28.28 -6.37 -0.16
C MET E 59 -27.98 -6.82 -1.59
N ASN E 60 -28.00 -5.90 -2.55
CA ASN E 60 -27.62 -6.24 -3.92
C ASN E 60 -26.18 -6.72 -3.98
N SER E 61 -25.29 -6.02 -3.26
CA SER E 61 -23.89 -6.46 -3.22
C SER E 61 -23.77 -7.83 -2.58
N PHE E 62 -24.54 -8.10 -1.53
CA PHE E 62 -24.49 -9.41 -0.89
C PHE E 62 -24.91 -10.51 -1.85
N VAL E 63 -26.00 -10.28 -2.58
CA VAL E 63 -26.47 -11.28 -3.53
C VAL E 63 -25.44 -11.52 -4.61
N ASN E 64 -24.86 -10.44 -5.15
CA ASN E 64 -23.82 -10.58 -6.17
C ASN E 64 -22.63 -11.37 -5.64
N ASP E 65 -22.21 -11.08 -4.41
CA ASP E 65 -21.04 -11.74 -3.85
C ASP E 65 -21.28 -13.22 -3.66
N VAL E 66 -22.45 -13.59 -3.13
CA VAL E 66 -22.73 -15.01 -2.92
C VAL E 66 -22.88 -15.72 -4.26
N PHE E 67 -23.49 -15.05 -5.24
CA PHE E 67 -23.55 -15.60 -6.59
C PHE E 67 -22.16 -15.92 -7.09
N GLU E 68 -21.23 -14.96 -6.98
CA GLU E 68 -19.89 -15.17 -7.49
C GLU E 68 -19.19 -16.31 -6.76
N ARG E 69 -19.34 -16.37 -5.43
CA ARG E 69 -18.70 -17.45 -4.68
C ARG E 69 -19.19 -18.81 -5.13
N ILE E 70 -20.52 -18.99 -5.16
CA ILE E 70 -21.07 -20.29 -5.51
C ILE E 70 -20.76 -20.66 -6.95
N ALA E 71 -20.85 -19.68 -7.87
CA ALA E 71 -20.56 -19.96 -9.27
C ALA E 71 -19.10 -20.34 -9.47
N GLY E 72 -18.19 -19.62 -8.81
CA GLY E 72 -16.78 -19.99 -8.91
C GLY E 72 -16.50 -21.36 -8.36
N GLU E 73 -17.11 -21.71 -7.24
CA GLU E 73 -16.93 -23.05 -6.70
C GLU E 73 -17.48 -24.11 -7.65
N ALA E 74 -18.65 -23.85 -8.24
CA ALA E 74 -19.22 -24.80 -9.18
C ALA E 74 -18.31 -24.98 -10.39
N SER E 75 -17.75 -23.88 -10.90
CA SER E 75 -16.83 -23.96 -12.03
C SER E 75 -15.58 -24.74 -11.67
N ARG E 76 -15.03 -24.50 -10.48
CA ARG E 76 -13.86 -25.24 -10.06
C ARG E 76 -14.17 -26.72 -9.92
N LEU E 77 -15.35 -27.07 -9.41
CA LEU E 77 -15.72 -28.47 -9.31
C LEU E 77 -15.82 -29.12 -10.69
N ALA E 78 -16.48 -28.45 -11.63
CA ALA E 78 -16.57 -29.00 -12.97
C ALA E 78 -15.20 -29.18 -13.60
N HIS E 79 -14.31 -28.21 -13.43
CA HIS E 79 -12.96 -28.33 -13.97
C HIS E 79 -12.20 -29.46 -13.30
N TYR E 80 -12.31 -29.58 -11.98
CA TYR E 80 -11.58 -30.61 -11.25
C TYR E 80 -12.04 -32.00 -11.67
N ASN E 81 -13.32 -32.16 -11.94
CA ASN E 81 -13.88 -33.44 -12.34
C ASN E 81 -13.93 -33.62 -13.85
N LYS E 82 -13.34 -32.71 -14.61
CA LYS E 82 -13.28 -32.83 -16.07
C LYS E 82 -14.67 -32.95 -16.66
N ARG E 83 -15.59 -32.11 -16.17
CA ARG E 83 -16.93 -32.00 -16.71
C ARG E 83 -17.14 -30.59 -17.22
N SER E 84 -17.93 -30.46 -18.28
CA SER E 84 -18.14 -29.21 -18.97
C SER E 84 -19.51 -28.60 -18.69
N THR E 85 -20.17 -29.03 -17.62
CA THR E 85 -21.50 -28.56 -17.28
C THR E 85 -21.56 -28.20 -15.80
N ILE E 86 -22.10 -27.04 -15.49
CA ILE E 86 -22.44 -26.67 -14.12
C ILE E 86 -23.88 -27.12 -13.89
N THR E 87 -24.04 -28.23 -13.18
CA THR E 87 -25.35 -28.78 -12.87
C THR E 87 -25.74 -28.45 -11.43
N SER E 88 -26.96 -28.82 -11.07
CA SER E 88 -27.44 -28.55 -9.72
C SER E 88 -26.61 -29.29 -8.67
N ARG E 89 -26.03 -30.42 -9.03
CA ARG E 89 -25.14 -31.12 -8.12
C ARG E 89 -23.93 -30.26 -7.78
N GLU E 90 -23.37 -29.58 -8.78
CA GLU E 90 -22.24 -28.69 -8.53
C GLU E 90 -22.65 -27.54 -7.62
N ILE E 91 -23.82 -26.94 -7.86
CA ILE E 91 -24.27 -25.82 -7.03
C ILE E 91 -24.47 -26.29 -5.60
N GLN E 92 -24.99 -27.50 -5.43
CA GLN E 92 -25.20 -28.03 -4.09
C GLN E 92 -23.89 -28.26 -3.36
N THR E 93 -22.90 -28.86 -4.03
CA THR E 93 -21.61 -29.06 -3.37
C THR E 93 -20.93 -27.73 -3.10
N ALA E 94 -21.11 -26.74 -3.98
CA ALA E 94 -20.55 -25.42 -3.72
C ALA E 94 -21.20 -24.80 -2.48
N VAL E 95 -22.52 -24.95 -2.35
CA VAL E 95 -23.21 -24.44 -1.16
C VAL E 95 -22.70 -25.10 0.09
N ARG E 96 -22.53 -26.43 0.06
CA ARG E 96 -21.99 -27.13 1.22
C ARG E 96 -20.60 -26.63 1.56
N LEU E 97 -19.73 -26.47 0.56
CA LEU E 97 -18.37 -26.04 0.81
C LEU E 97 -18.31 -24.61 1.38
N LEU E 98 -19.15 -23.71 0.85
CA LEU E 98 -19.01 -22.29 1.16
C LEU E 98 -19.74 -21.91 2.43
N LEU E 99 -20.92 -22.41 2.64
CA LEU E 99 -21.74 -21.89 3.72
C LEU E 99 -21.55 -22.69 5.00
N PRO E 100 -21.64 -22.05 6.17
CA PRO E 100 -21.52 -22.77 7.43
C PRO E 100 -22.60 -23.83 7.60
N GLY E 101 -22.49 -24.63 8.67
CA GLY E 101 -23.27 -25.83 8.80
C GLY E 101 -24.77 -25.67 8.63
N GLU E 102 -25.41 -24.96 9.56
CA GLU E 102 -26.86 -24.90 9.56
C GLU E 102 -27.38 -24.14 8.34
N LEU E 103 -26.72 -23.05 7.98
CA LEU E 103 -27.08 -22.34 6.76
C LEU E 103 -26.96 -23.25 5.56
N ALA E 104 -25.90 -24.06 5.51
CA ALA E 104 -25.74 -24.99 4.40
C ALA E 104 -26.89 -25.99 4.36
N LYS E 105 -27.28 -26.52 5.52
CA LYS E 105 -28.35 -27.50 5.53
C LYS E 105 -29.64 -26.90 5.00
N HIS E 106 -30.00 -25.72 5.50
CA HIS E 106 -31.25 -25.10 5.07
C HIS E 106 -31.18 -24.70 3.60
N ALA E 107 -30.03 -24.21 3.14
CA ALA E 107 -29.88 -23.85 1.75
C ALA E 107 -30.03 -25.06 0.84
N VAL E 108 -29.43 -26.18 1.24
CA VAL E 108 -29.56 -27.38 0.42
C VAL E 108 -31.00 -27.86 0.39
N SER E 109 -31.69 -27.80 1.53
CA SER E 109 -33.09 -28.21 1.54
C SER E 109 -33.92 -27.32 0.62
N GLU E 110 -33.70 -26.01 0.68
CA GLU E 110 -34.44 -25.09 -0.17
C GLU E 110 -34.16 -25.34 -1.65
N GLY E 111 -32.89 -25.53 -2.00
CA GLY E 111 -32.57 -25.78 -3.40
C GLY E 111 -33.14 -27.08 -3.91
N THR E 112 -33.07 -28.13 -3.10
CA THR E 112 -33.65 -29.41 -3.52
C THR E 112 -35.15 -29.28 -3.71
N LYS E 113 -35.83 -28.58 -2.80
CA LYS E 113 -37.26 -28.37 -2.95
C LYS E 113 -37.56 -27.60 -4.23
N ALA E 114 -36.78 -26.56 -4.50
CA ALA E 114 -37.01 -25.75 -5.70
C ALA E 114 -36.83 -26.58 -6.96
N VAL E 115 -35.78 -27.38 -7.03
CA VAL E 115 -35.54 -28.16 -8.24
C VAL E 115 -36.62 -29.23 -8.40
N THR E 116 -37.04 -29.86 -7.30
CA THR E 116 -38.09 -30.86 -7.39
C THR E 116 -39.39 -30.24 -7.88
N LYS E 117 -39.74 -29.07 -7.34
CA LYS E 117 -40.97 -28.42 -7.79
C LYS E 117 -40.87 -27.98 -9.24
N TYR E 118 -39.69 -27.50 -9.66
CA TYR E 118 -39.51 -27.08 -11.04
C TYR E 118 -39.66 -28.26 -11.99
N THR E 119 -39.03 -29.38 -11.66
CA THR E 119 -39.13 -30.56 -12.50
C THR E 119 -40.57 -31.08 -12.54
N SER E 120 -41.27 -31.02 -11.41
CA SER E 120 -42.66 -31.48 -11.37
C SER E 120 -43.49 -30.76 -12.43
N ALA E 121 -43.40 -29.44 -12.48
CA ALA E 121 -44.14 -28.67 -13.46
C ALA E 121 -43.42 -28.67 -14.80
N PRO F 38 -15.71 22.50 40.96
CA PRO F 38 -16.31 22.11 39.68
C PRO F 38 -16.39 20.59 39.56
N HIS F 39 -16.92 20.11 38.45
CA HIS F 39 -17.00 18.67 38.19
C HIS F 39 -15.77 18.27 37.40
N ARG F 40 -15.10 17.23 37.86
CA ARG F 40 -13.81 16.81 37.34
C ARG F 40 -13.80 15.31 37.12
N TYR F 41 -14.75 14.81 36.33
CA TYR F 41 -14.95 13.39 36.13
C TYR F 41 -13.64 12.62 36.20
N ARG F 42 -13.61 11.56 37.00
CA ARG F 42 -12.37 10.83 37.22
C ARG F 42 -11.82 10.34 35.89
N PRO F 43 -10.50 10.31 35.71
CA PRO F 43 -9.95 9.88 34.43
C PRO F 43 -10.45 8.49 34.06
N GLY F 44 -10.87 8.35 32.80
CA GLY F 44 -11.40 7.11 32.28
C GLY F 44 -12.90 7.09 32.12
N THR F 45 -13.63 7.90 32.88
CA THR F 45 -15.09 7.90 32.78
C THR F 45 -15.53 8.43 31.43
N VAL F 46 -15.00 9.57 31.01
CA VAL F 46 -15.34 10.10 29.70
C VAL F 46 -14.81 9.21 28.60
N ALA F 47 -13.75 8.45 28.87
CA ALA F 47 -13.27 7.49 27.88
C ALA F 47 -14.30 6.40 27.63
N LEU F 48 -14.83 5.82 28.70
CA LEU F 48 -15.89 4.81 28.55
C LEU F 48 -17.11 5.43 27.90
N ARG F 49 -17.43 6.67 28.25
CA ARG F 49 -18.58 7.34 27.65
C ARG F 49 -18.40 7.49 26.15
N GLU F 50 -17.21 7.89 25.71
CA GLU F 50 -16.94 8.00 24.29
C GLU F 50 -16.98 6.64 23.60
N ILE F 51 -16.49 5.61 24.27
CA ILE F 51 -16.59 4.27 23.70
C ILE F 51 -18.05 3.92 23.43
N ARG F 52 -18.91 4.14 24.42
CA ARG F 52 -20.33 3.88 24.22
C ARG F 52 -20.90 4.74 23.09
N ARG F 53 -20.57 6.02 23.11
CA ARG F 53 -21.13 6.96 22.14
C ARG F 53 -20.79 6.55 20.72
N TYR F 54 -19.55 6.15 20.48
CA TYR F 54 -19.10 5.85 19.14
C TYR F 54 -19.42 4.43 18.71
N GLN F 55 -19.51 3.48 19.64
CA GLN F 55 -19.97 2.16 19.27
C GLN F 55 -21.47 2.13 19.05
N LYS F 56 -22.19 3.14 19.52
CA LYS F 56 -23.60 3.27 19.17
C LYS F 56 -23.79 3.79 17.75
N SER F 57 -22.91 4.66 17.28
CA SER F 57 -23.14 5.42 16.06
C SER F 57 -22.46 4.78 14.85
N THR F 58 -22.77 5.31 13.67
CA THR F 58 -22.20 4.85 12.42
C THR F 58 -21.50 5.96 11.64
N GLU F 59 -21.65 7.21 12.06
CA GLU F 59 -21.10 8.33 11.30
C GLU F 59 -19.58 8.22 11.18
N LEU F 60 -19.07 8.59 10.01
CA LEU F 60 -17.63 8.53 9.78
C LEU F 60 -16.91 9.49 10.71
N LEU F 61 -15.74 9.06 11.19
CA LEU F 61 -15.04 9.75 12.26
C LEU F 61 -13.90 10.63 11.77
N ILE F 62 -13.40 10.40 10.57
CA ILE F 62 -12.38 11.27 9.98
C ILE F 62 -13.07 12.33 9.14
N ARG F 63 -12.58 13.57 9.25
CA ARG F 63 -13.18 14.66 8.52
C ARG F 63 -13.00 14.46 7.03
N LYS F 64 -14.00 14.87 6.25
CA LYS F 64 -14.08 14.46 4.85
C LYS F 64 -13.01 15.13 3.99
N LEU F 65 -12.87 16.45 4.10
CA LEU F 65 -11.92 17.14 3.21
C LEU F 65 -10.48 16.73 3.47
N PRO F 66 -9.99 16.66 4.71
CA PRO F 66 -8.61 16.20 4.90
C PRO F 66 -8.34 14.83 4.32
N PHE F 67 -9.28 13.90 4.50
CA PHE F 67 -9.09 12.57 3.96
C PHE F 67 -9.11 12.59 2.43
N GLN F 68 -9.98 13.39 1.84
CA GLN F 68 -9.99 13.51 0.39
C GLN F 68 -8.64 14.00 -0.11
N ARG F 69 -8.09 15.01 0.55
CA ARG F 69 -6.80 15.54 0.13
C ARG F 69 -5.70 14.50 0.28
N LEU F 70 -5.73 13.74 1.36
CA LEU F 70 -4.74 12.67 1.54
C LEU F 70 -4.85 11.64 0.43
N VAL F 71 -6.08 11.27 0.07
CA VAL F 71 -6.27 10.31 -1.02
C VAL F 71 -5.69 10.85 -2.32
N ARG F 72 -5.94 12.12 -2.63
CA ARG F 72 -5.39 12.69 -3.86
C ARG F 72 -3.87 12.69 -3.81
N GLU F 73 -3.29 13.06 -2.67
CA GLU F 73 -1.84 13.10 -2.54
C GLU F 73 -1.22 11.72 -2.78
N ILE F 74 -1.81 10.68 -2.17
CA ILE F 74 -1.29 9.35 -2.39
C ILE F 74 -1.44 8.93 -3.84
N ALA F 75 -2.61 9.18 -4.44
CA ALA F 75 -2.82 8.81 -5.83
C ALA F 75 -1.88 9.56 -6.76
N GLN F 76 -1.38 10.71 -6.34
CA GLN F 76 -0.52 11.50 -7.21
C GLN F 76 0.71 10.70 -7.63
N ASP F 77 1.30 9.96 -6.71
CA ASP F 77 2.52 9.24 -7.00
C ASP F 77 2.33 8.11 -8.00
N PHE F 78 1.09 7.67 -8.23
CA PHE F 78 0.83 6.60 -9.19
C PHE F 78 0.36 7.11 -10.54
N LYS F 79 -0.27 8.29 -10.58
CA LYS F 79 -0.67 8.91 -11.84
C LYS F 79 -0.89 10.39 -11.57
N THR F 80 -0.87 11.18 -12.63
CA THR F 80 -1.06 12.62 -12.54
C THR F 80 -2.38 13.02 -13.19
N ASP F 81 -2.92 14.15 -12.74
CA ASP F 81 -4.18 14.68 -13.26
C ASP F 81 -5.28 13.65 -13.14
N LEU F 82 -5.37 13.03 -11.97
CA LEU F 82 -6.38 12.02 -11.68
C LEU F 82 -7.59 12.68 -11.05
N ARG F 83 -8.77 12.24 -11.46
CA ARG F 83 -10.01 12.67 -10.88
C ARG F 83 -10.61 11.53 -10.08
N PHE F 84 -11.37 11.88 -9.04
CA PHE F 84 -11.99 10.92 -8.16
C PHE F 84 -13.48 11.17 -8.09
N GLN F 85 -14.27 10.15 -8.35
CA GLN F 85 -15.69 10.22 -8.04
C GLN F 85 -15.86 10.39 -6.55
N SER F 86 -16.87 11.16 -6.15
CA SER F 86 -17.16 11.32 -4.74
C SER F 86 -17.37 9.96 -4.07
N SER F 87 -18.07 9.06 -4.75
CA SER F 87 -18.29 7.73 -4.21
C SER F 87 -16.97 6.99 -4.00
N ALA F 88 -15.98 7.24 -4.83
CA ALA F 88 -14.70 6.56 -4.68
C ALA F 88 -14.00 6.99 -3.39
N VAL F 89 -13.93 8.30 -3.16
CA VAL F 89 -13.33 8.79 -1.92
C VAL F 89 -14.10 8.25 -0.72
N MET F 90 -15.42 8.23 -0.81
CA MET F 90 -16.20 7.75 0.31
C MET F 90 -15.98 6.26 0.57
N ALA F 91 -15.86 5.47 -0.49
CA ALA F 91 -15.56 4.05 -0.31
C ALA F 91 -14.20 3.87 0.34
N LEU F 92 -13.20 4.63 -0.10
CA LEU F 92 -11.90 4.56 0.52
C LEU F 92 -11.98 4.89 2.00
N GLN F 93 -12.75 5.91 2.36
CA GLN F 93 -12.84 6.30 3.76
C GLN F 93 -13.56 5.24 4.59
N GLU F 94 -14.66 4.69 4.09
CA GLU F 94 -15.35 3.62 4.81
C GLU F 94 -14.42 2.44 5.06
N ALA F 95 -13.72 1.99 4.02
CA ALA F 95 -12.82 0.86 4.17
C ALA F 95 -11.69 1.19 5.13
N SER F 96 -11.12 2.38 5.03
CA SER F 96 -10.01 2.75 5.89
C SER F 96 -10.42 2.79 7.35
N GLU F 97 -11.58 3.39 7.64
CA GLU F 97 -12.05 3.44 9.02
C GLU F 97 -12.36 2.06 9.54
N ALA F 98 -12.96 1.20 8.72
CA ALA F 98 -13.20 -0.17 9.15
C ALA F 98 -11.90 -0.87 9.52
N TYR F 99 -10.88 -0.72 8.66
CA TYR F 99 -9.60 -1.36 8.92
C TYR F 99 -8.97 -0.83 10.21
N LEU F 100 -8.99 0.48 10.40
CA LEU F 100 -8.39 1.05 11.60
C LEU F 100 -9.12 0.61 12.86
N VAL F 101 -10.46 0.54 12.81
CA VAL F 101 -11.22 0.12 13.99
C VAL F 101 -10.88 -1.32 14.34
N ALA F 102 -10.84 -2.20 13.33
CA ALA F 102 -10.51 -3.59 13.61
C ALA F 102 -9.09 -3.71 14.16
N LEU F 103 -8.17 -2.94 13.60
CA LEU F 103 -6.80 -2.93 14.09
C LEU F 103 -6.76 -2.50 15.54
N PHE F 104 -7.56 -1.51 15.92
CA PHE F 104 -7.55 -1.05 17.30
C PHE F 104 -8.16 -2.08 18.23
N GLU F 105 -9.15 -2.83 17.76
CA GLU F 105 -9.67 -3.94 18.58
C GLU F 105 -8.56 -4.96 18.85
N ASP F 106 -7.81 -5.35 17.82
CA ASP F 106 -6.73 -6.30 18.02
C ASP F 106 -5.65 -5.71 18.93
N THR F 107 -5.33 -4.44 18.73
CA THR F 107 -4.34 -3.78 19.58
C THR F 107 -4.77 -3.78 21.03
N ASN F 108 -6.05 -3.53 21.28
CA ASN F 108 -6.55 -3.53 22.64
C ASN F 108 -6.45 -4.92 23.25
N LEU F 109 -6.79 -5.95 22.48
CA LEU F 109 -6.64 -7.30 23.00
C LEU F 109 -5.20 -7.59 23.37
N CYS F 110 -4.26 -7.15 22.53
CA CYS F 110 -2.84 -7.35 22.85
C CYS F 110 -2.44 -6.60 24.11
N ALA F 111 -2.90 -5.36 24.24
CA ALA F 111 -2.56 -4.58 25.43
C ALA F 111 -3.08 -5.23 26.69
N ILE F 112 -4.31 -5.74 26.65
CA ILE F 112 -4.85 -6.43 27.82
C ILE F 112 -4.09 -7.71 28.07
N HIS F 113 -3.65 -8.39 27.02
CA HIS F 113 -2.78 -9.54 27.19
C HIS F 113 -1.53 -9.16 27.97
N ALA F 114 -1.01 -7.97 27.72
CA ALA F 114 0.19 -7.49 28.39
C ALA F 114 -0.08 -6.95 29.80
N LYS F 115 -1.24 -7.25 30.38
CA LYS F 115 -1.61 -6.77 31.70
C LYS F 115 -1.71 -5.25 31.77
N ARG F 116 -2.11 -4.63 30.66
CA ARG F 116 -2.14 -3.19 30.54
C ARG F 116 -3.53 -2.70 30.14
N VAL F 117 -3.71 -1.39 30.24
CA VAL F 117 -4.91 -0.72 29.76
C VAL F 117 -4.60 0.31 28.68
N THR F 118 -3.34 0.70 28.50
CA THR F 118 -2.97 1.70 27.52
C THR F 118 -2.38 1.00 26.29
N ILE F 119 -2.93 1.29 25.12
CA ILE F 119 -2.41 0.72 23.89
C ILE F 119 -1.16 1.49 23.49
N MET F 120 -0.15 0.77 23.02
CA MET F 120 1.14 1.31 22.67
C MET F 120 1.55 0.83 21.29
N PRO F 121 2.56 1.47 20.69
CA PRO F 121 2.99 1.04 19.35
C PRO F 121 3.30 -0.44 19.23
N LYS F 122 3.90 -1.03 20.27
CA LYS F 122 4.20 -2.45 20.21
C LYS F 122 2.94 -3.29 20.03
N ASP F 123 1.81 -2.84 20.57
CA ASP F 123 0.57 -3.57 20.40
C ASP F 123 0.13 -3.59 18.94
N ILE F 124 0.17 -2.42 18.28
CA ILE F 124 -0.19 -2.37 16.87
C ILE F 124 0.76 -3.22 16.06
N GLN F 125 2.05 -3.15 16.37
CA GLN F 125 3.02 -3.96 15.63
C GLN F 125 2.72 -5.45 15.79
N LEU F 126 2.41 -5.89 17.01
CA LEU F 126 2.10 -7.29 17.23
C LEU F 126 0.86 -7.71 16.48
N ALA F 127 -0.19 -6.89 16.53
CA ALA F 127 -1.43 -7.23 15.85
C ALA F 127 -1.20 -7.35 14.35
N ARG F 128 -0.49 -6.39 13.77
CA ARG F 128 -0.23 -6.42 12.34
C ARG F 128 0.63 -7.63 11.97
N ARG F 129 1.60 -7.98 12.81
CA ARG F 129 2.44 -9.13 12.50
C ARG F 129 1.64 -10.42 12.53
N ILE F 130 0.80 -10.60 13.54
CA ILE F 130 0.01 -11.83 13.63
C ILE F 130 -0.99 -11.88 12.49
N ARG F 131 -1.53 -10.74 12.10
CA ARG F 131 -2.44 -10.69 10.96
C ARG F 131 -1.75 -11.09 9.66
N GLY F 132 -0.43 -10.97 9.59
CA GLY F 132 0.30 -11.23 8.37
C GLY F 132 0.56 -10.00 7.52
N GLU F 133 0.26 -8.81 8.03
CA GLU F 133 0.48 -7.60 7.25
C GLU F 133 1.94 -7.18 7.28
N ARG G 17 4.61 15.17 -14.18
CA ARG G 17 4.72 15.14 -12.72
C ARG G 17 4.68 16.55 -12.15
N HIS G 18 3.84 16.75 -11.13
CA HIS G 18 3.78 18.03 -10.45
C HIS G 18 5.05 18.26 -9.66
N ARG G 19 5.45 19.52 -9.55
CA ARG G 19 6.82 19.84 -9.17
C ARG G 19 7.06 19.99 -7.68
N VAL G 21 4.94 19.22 -4.68
CA VAL G 21 3.81 18.68 -3.94
C VAL G 21 4.17 18.58 -2.47
N LEU G 22 3.32 19.17 -1.63
CA LEU G 22 3.53 19.22 -0.19
C LEU G 22 2.94 17.95 0.42
N ARG G 23 3.80 16.99 0.71
CA ARG G 23 3.38 15.69 1.27
C ARG G 23 3.19 15.84 2.77
N ASP G 24 2.12 16.55 3.14
CA ASP G 24 1.83 16.82 4.54
C ASP G 24 0.35 16.66 4.87
N ASN G 25 -0.40 15.95 4.04
CA ASN G 25 -1.82 15.78 4.26
C ASN G 25 -2.14 14.63 5.19
N ILE G 26 -1.14 13.85 5.61
CA ILE G 26 -1.36 12.80 6.58
C ILE G 26 -1.67 13.40 7.95
N GLN G 27 -1.06 14.54 8.27
CA GLN G 27 -1.35 15.20 9.53
C GLN G 27 -2.79 15.67 9.62
N GLY G 28 -3.50 15.71 8.51
CA GLY G 28 -4.92 16.01 8.57
C GLY G 28 -5.71 14.95 9.29
N ILE G 29 -5.18 13.73 9.37
CA ILE G 29 -5.77 12.71 10.21
C ILE G 29 -5.39 13.09 11.64
N THR G 30 -6.30 13.78 12.31
CA THR G 30 -5.97 14.48 13.53
C THR G 30 -5.90 13.53 14.71
N LYS G 31 -5.32 14.03 15.80
CA LYS G 31 -5.29 13.26 17.04
C LYS G 31 -6.69 12.91 17.53
N PRO G 32 -7.63 13.85 17.66
CA PRO G 32 -8.98 13.46 18.07
C PRO G 32 -9.64 12.47 17.12
N ALA G 33 -9.37 12.54 15.82
CA ALA G 33 -9.96 11.58 14.90
C ALA G 33 -9.46 10.17 15.19
N ILE G 34 -8.15 10.03 15.42
CA ILE G 34 -7.60 8.72 15.76
C ILE G 34 -8.12 8.24 17.09
N ARG G 35 -8.31 9.16 18.04
CA ARG G 35 -8.90 8.78 19.32
C ARG G 35 -10.33 8.28 19.13
N ARG G 36 -11.09 8.93 18.26
CA ARG G 36 -12.46 8.48 18.00
C ARG G 36 -12.46 7.08 17.37
N LEU G 37 -11.58 6.85 16.41
CA LEU G 37 -11.46 5.52 15.83
C LEU G 37 -11.09 4.50 16.90
N ALA G 38 -10.20 4.88 17.82
CA ALA G 38 -9.84 3.97 18.90
C ALA G 38 -11.03 3.68 19.79
N ARG G 39 -11.81 4.70 20.12
CA ARG G 39 -12.97 4.52 21.00
C ARG G 39 -14.01 3.62 20.36
N ARG G 40 -14.24 3.76 19.06
CA ARG G 40 -15.13 2.84 18.38
C ARG G 40 -14.64 1.40 18.51
N GLY G 41 -13.32 1.22 18.57
CA GLY G 41 -12.72 -0.08 18.76
C GLY G 41 -12.61 -0.53 20.19
N GLY G 42 -13.07 0.28 21.14
CA GLY G 42 -13.09 -0.14 22.53
C GLY G 42 -11.86 0.23 23.33
N VAL G 43 -11.05 1.16 22.85
CA VAL G 43 -9.82 1.53 23.55
C VAL G 43 -10.15 2.58 24.60
N LYS G 44 -9.51 2.47 25.76
CA LYS G 44 -9.74 3.38 26.88
C LYS G 44 -8.59 4.36 27.07
N ARG G 45 -7.35 3.90 27.07
CA ARG G 45 -6.18 4.76 27.18
C ARG G 45 -5.30 4.57 25.97
N ILE G 46 -4.77 5.68 25.45
CA ILE G 46 -3.97 5.68 24.23
C ILE G 46 -2.65 6.36 24.54
N SER G 47 -1.55 5.75 24.10
CA SER G 47 -0.24 6.35 24.27
C SER G 47 -0.01 7.42 23.20
N GLY G 48 1.01 8.25 23.42
CA GLY G 48 1.26 9.37 22.53
C GLY G 48 1.69 8.94 21.14
N LEU G 49 2.48 7.87 21.04
CA LEU G 49 3.04 7.44 19.78
C LEU G 49 2.04 6.66 18.92
N ILE G 50 0.90 6.29 19.50
CA ILE G 50 -0.13 5.58 18.76
C ILE G 50 -0.57 6.39 17.55
N TYR G 51 -0.55 7.71 17.66
CA TYR G 51 -1.06 8.53 16.57
C TYR G 51 -0.16 8.44 15.35
N GLU G 52 1.16 8.58 15.54
CA GLU G 52 2.08 8.42 14.41
C GLU G 52 2.04 7.00 13.86
N GLU G 53 1.94 6.00 14.75
CA GLU G 53 1.83 4.63 14.26
C GLU G 53 0.61 4.47 13.38
N THR G 54 -0.53 5.01 13.81
CA THR G 54 -1.76 4.91 13.03
C THR G 54 -1.62 5.61 11.71
N ARG G 55 -0.97 6.79 11.69
CA ARG G 55 -0.81 7.51 10.44
C ARG G 55 0.00 6.68 9.45
N GLY G 56 1.09 6.07 9.91
CA GLY G 56 1.87 5.24 9.01
C GLY G 56 1.08 4.04 8.49
N VAL G 57 0.35 3.37 9.38
CA VAL G 57 -0.43 2.21 8.95
C VAL G 57 -1.48 2.61 7.93
N LEU G 58 -2.17 3.73 8.18
CA LEU G 58 -3.19 4.20 7.25
C LEU G 58 -2.58 4.56 5.91
N LYS G 59 -1.40 5.18 5.93
CA LYS G 59 -0.72 5.50 4.68
C LYS G 59 -0.42 4.25 3.89
N VAL G 60 0.07 3.20 4.55
CA VAL G 60 0.39 1.95 3.85
C VAL G 60 -0.88 1.33 3.25
N PHE G 61 -1.94 1.27 4.06
CA PHE G 61 -3.20 0.70 3.60
C PHE G 61 -3.71 1.45 2.37
N LEU G 62 -3.78 2.78 2.48
CA LEU G 62 -4.29 3.58 1.37
C LEU G 62 -3.40 3.46 0.15
N GLU G 63 -2.09 3.35 0.35
CA GLU G 63 -1.19 3.20 -0.79
C GLU G 63 -1.52 1.92 -1.56
N ASN G 64 -1.66 0.80 -0.84
CA ASN G 64 -2.01 -0.44 -1.52
C ASN G 64 -3.32 -0.31 -2.27
N VAL G 65 -4.36 0.15 -1.59
CA VAL G 65 -5.69 0.18 -2.20
C VAL G 65 -5.70 1.12 -3.40
N ILE G 66 -5.14 2.32 -3.24
CA ILE G 66 -5.18 3.30 -4.30
C ILE G 66 -4.32 2.87 -5.48
N ARG G 67 -3.22 2.18 -5.23
CA ARG G 67 -2.45 1.63 -6.34
C ARG G 67 -3.29 0.67 -7.16
N ASP G 68 -3.99 -0.25 -6.49
CA ASP G 68 -4.84 -1.18 -7.25
C ASP G 68 -5.95 -0.44 -7.99
N ALA G 69 -6.57 0.54 -7.34
CA ALA G 69 -7.65 1.28 -7.97
C ALA G 69 -7.15 2.04 -9.20
N VAL G 70 -6.00 2.70 -9.09
CA VAL G 70 -5.45 3.42 -10.22
C VAL G 70 -5.05 2.46 -11.32
N THR G 71 -4.62 1.24 -10.96
CA THR G 71 -4.29 0.27 -11.99
C THR G 71 -5.53 -0.11 -12.78
N TYR G 72 -6.65 -0.35 -12.11
CA TYR G 72 -7.90 -0.59 -12.82
C TYR G 72 -8.27 0.60 -13.69
N THR G 73 -8.11 1.81 -13.16
CA THR G 73 -8.48 3.00 -13.92
C THR G 73 -7.63 3.13 -15.18
N GLU G 74 -6.33 2.88 -15.08
CA GLU G 74 -5.49 2.90 -16.27
C GLU G 74 -5.91 1.83 -17.26
N HIS G 75 -6.24 0.63 -16.77
CA HIS G 75 -6.66 -0.42 -17.69
C HIS G 75 -7.91 0.01 -18.45
N ALA G 76 -8.85 0.66 -17.78
CA ALA G 76 -10.07 1.09 -18.43
C ALA G 76 -9.84 2.26 -19.38
N LYS G 77 -8.63 2.79 -19.45
CA LYS G 77 -8.36 3.98 -20.25
C LYS G 77 -9.24 5.15 -19.80
N ARG G 78 -9.41 5.25 -18.49
CA ARG G 78 -10.18 6.32 -17.87
C ARG G 78 -9.25 7.17 -17.02
N LYS G 79 -9.70 8.39 -16.73
CA LYS G 79 -8.91 9.33 -15.95
C LYS G 79 -9.55 9.65 -14.60
N THR G 80 -10.74 9.16 -14.33
CA THR G 80 -11.38 9.33 -13.03
C THR G 80 -11.52 7.96 -12.36
N VAL G 81 -11.24 7.91 -11.06
CA VAL G 81 -11.22 6.67 -10.30
C VAL G 81 -12.63 6.44 -9.79
N THR G 82 -13.34 5.50 -10.42
CA THR G 82 -14.71 5.21 -10.04
C THR G 82 -14.75 4.42 -8.73
N ALA G 83 -15.94 4.37 -8.12
CA ALA G 83 -16.09 3.61 -6.89
C ALA G 83 -15.92 2.12 -7.13
N MET G 84 -16.26 1.64 -8.32
CA MET G 84 -16.03 0.24 -8.62
C MET G 84 -14.54 -0.09 -8.66
N ASP G 85 -13.70 0.87 -9.02
CA ASP G 85 -12.26 0.66 -8.91
C ASP G 85 -11.86 0.33 -7.48
N VAL G 86 -12.37 1.12 -6.53
CA VAL G 86 -12.04 0.90 -5.13
C VAL G 86 -12.64 -0.40 -4.63
N VAL G 87 -13.85 -0.73 -5.07
CA VAL G 87 -14.48 -1.99 -4.67
C VAL G 87 -13.67 -3.17 -5.17
N TYR G 88 -13.23 -3.12 -6.43
CA TYR G 88 -12.40 -4.19 -6.98
C TYR G 88 -11.06 -4.28 -6.25
N ALA G 89 -10.44 -3.13 -5.93
CA ALA G 89 -9.19 -3.15 -5.21
C ALA G 89 -9.35 -3.79 -3.83
N LEU G 90 -10.40 -3.41 -3.12
CA LEU G 90 -10.63 -3.99 -1.81
C LEU G 90 -10.93 -5.48 -1.90
N LYS G 91 -11.67 -5.89 -2.93
CA LYS G 91 -11.90 -7.31 -3.14
C LYS G 91 -10.60 -8.05 -3.39
N ARG G 92 -9.70 -7.44 -4.16
CA ARG G 92 -8.36 -7.99 -4.33
C ARG G 92 -7.67 -8.17 -2.98
N GLN G 93 -7.68 -7.13 -2.16
CA GLN G 93 -7.03 -7.18 -0.86
C GLN G 93 -7.81 -7.98 0.16
N GLY G 94 -8.86 -8.68 -0.24
CA GLY G 94 -9.65 -9.45 0.70
C GLY G 94 -10.37 -8.60 1.71
N ARG G 95 -10.87 -7.44 1.30
CA ARG G 95 -11.54 -6.50 2.17
C ARG G 95 -12.88 -6.09 1.57
N THR G 96 -13.66 -7.09 1.16
CA THR G 96 -14.89 -6.86 0.43
C THR G 96 -15.73 -5.78 1.09
N LEU G 97 -16.17 -4.81 0.28
CA LEU G 97 -16.93 -3.67 0.74
C LEU G 97 -18.32 -3.70 0.12
N TYR G 98 -19.35 -3.67 0.95
CA TYR G 98 -20.72 -3.63 0.50
C TYR G 98 -21.27 -2.21 0.59
N GLY G 99 -22.09 -1.84 -0.39
CA GLY G 99 -22.77 -0.57 -0.38
C GLY G 99 -22.33 0.43 -1.43
N PHE G 100 -21.49 0.03 -2.39
CA PHE G 100 -21.02 0.93 -3.42
C PHE G 100 -21.09 0.28 -4.80
N GLY G 101 -21.94 -0.73 -4.94
CA GLY G 101 -22.12 -1.38 -6.23
C GLY G 101 -21.37 -2.71 -6.33
N GLY G 102 -21.42 -3.48 -5.25
CA GLY G 102 -20.76 -4.77 -5.23
C GLY G 102 -21.19 -5.69 -6.35
N ARG H 11 3.11 -26.45 -47.89
CA ARG H 11 3.46 -26.42 -46.47
C ARG H 11 4.83 -25.81 -46.26
N ALA H 12 5.12 -25.43 -45.02
CA ALA H 12 6.41 -24.87 -44.66
C ALA H 12 6.89 -25.51 -43.37
N LYS H 13 8.20 -25.51 -43.17
CA LYS H 13 8.78 -26.11 -41.98
C LYS H 13 8.19 -25.48 -40.73
N ALA H 14 7.74 -26.32 -39.81
CA ALA H 14 7.04 -25.83 -38.63
C ALA H 14 7.99 -25.13 -37.67
N LYS H 15 7.57 -23.96 -37.21
CA LYS H 15 8.32 -23.18 -36.23
C LYS H 15 7.46 -23.06 -34.98
N THR H 16 8.00 -23.51 -33.85
CA THR H 16 7.25 -23.45 -32.61
C THR H 16 7.02 -22.01 -32.20
N ARG H 17 5.83 -21.73 -31.66
CA ARG H 17 5.52 -20.38 -31.22
C ARG H 17 6.47 -19.92 -30.13
N SER H 18 6.93 -20.84 -29.30
CA SER H 18 7.93 -20.49 -28.29
C SER H 18 9.20 -19.98 -28.93
N SER H 19 9.66 -20.63 -29.99
CA SER H 19 10.87 -20.19 -30.66
C SER H 19 10.70 -18.78 -31.22
N ARG H 20 9.55 -18.48 -31.80
CA ARG H 20 9.30 -17.15 -32.32
C ARG H 20 9.40 -16.12 -31.22
N ALA H 21 8.84 -16.41 -30.05
CA ALA H 21 8.92 -15.51 -28.91
C ALA H 21 10.21 -15.64 -28.15
N GLY H 22 11.08 -16.58 -28.52
CA GLY H 22 12.31 -16.78 -27.81
C GLY H 22 12.07 -17.22 -26.38
N LEU H 23 11.14 -18.16 -26.19
CA LEU H 23 10.77 -18.66 -24.88
C LEU H 23 10.96 -20.17 -24.86
N GLN H 24 11.20 -20.69 -23.66
CA GLN H 24 11.27 -22.13 -23.49
C GLN H 24 9.96 -22.74 -23.02
N PHE H 25 9.09 -21.97 -22.39
CA PHE H 25 7.80 -22.46 -21.94
C PHE H 25 6.81 -22.55 -23.10
N PRO H 26 5.83 -23.43 -23.00
CA PRO H 26 4.98 -23.73 -24.16
C PRO H 26 3.93 -22.66 -24.39
N VAL H 27 4.11 -21.88 -25.44
CA VAL H 27 3.11 -20.88 -25.79
C VAL H 27 1.83 -21.57 -26.25
N GLY H 28 1.95 -22.66 -27.01
CA GLY H 28 0.77 -23.37 -27.46
C GLY H 28 0.00 -24.01 -26.34
N ARG H 29 0.69 -24.68 -25.41
CA ARG H 29 0.00 -25.29 -24.28
C ARG H 29 -0.69 -24.23 -23.43
N VAL H 30 -0.02 -23.10 -23.22
CA VAL H 30 -0.63 -22.02 -22.47
C VAL H 30 -1.86 -21.50 -23.19
N HIS H 31 -1.79 -21.38 -24.51
CA HIS H 31 -2.95 -20.94 -25.28
C HIS H 31 -4.11 -21.91 -25.11
N ARG H 32 -3.83 -23.20 -25.16
CA ARG H 32 -4.87 -24.20 -24.96
C ARG H 32 -5.47 -24.11 -23.56
N LEU H 33 -4.62 -23.97 -22.54
CA LEU H 33 -5.13 -23.89 -21.18
C LEU H 33 -6.02 -22.66 -21.00
N LEU H 34 -5.59 -21.52 -21.55
CA LEU H 34 -6.42 -20.32 -21.51
C LEU H 34 -7.74 -20.55 -22.22
N ARG H 35 -7.70 -21.20 -23.39
CA ARG H 35 -8.93 -21.45 -24.13
C ARG H 35 -9.80 -22.49 -23.44
N LYS H 36 -9.20 -23.56 -22.97
CA LYS H 36 -9.94 -24.62 -22.27
C LYS H 36 -9.95 -24.41 -20.77
N GLY H 37 -10.27 -23.20 -20.32
CA GLY H 37 -10.26 -22.91 -18.91
C GLY H 37 -11.34 -21.96 -18.46
N ASN H 38 -12.17 -21.51 -19.40
CA ASN H 38 -13.26 -20.59 -19.10
C ASN H 38 -12.73 -19.32 -18.43
N TYR H 39 -11.88 -18.60 -19.16
CA TYR H 39 -11.41 -17.29 -18.76
C TYR H 39 -12.01 -16.16 -19.57
N ALA H 40 -12.30 -16.40 -20.84
CA ALA H 40 -13.02 -15.45 -21.67
C ALA H 40 -13.42 -16.17 -22.94
N GLU H 41 -14.36 -15.57 -23.67
CA GLU H 41 -14.83 -16.18 -24.90
C GLU H 41 -13.72 -16.29 -25.92
N ARG H 42 -12.84 -15.29 -25.97
CA ARG H 42 -11.74 -15.25 -26.93
C ARG H 42 -10.44 -15.00 -26.20
N VAL H 43 -9.34 -15.51 -26.78
CA VAL H 43 -8.00 -15.30 -26.26
C VAL H 43 -7.14 -14.76 -27.40
N GLY H 44 -6.45 -13.67 -27.14
CA GLY H 44 -5.63 -13.05 -28.17
C GLY H 44 -4.40 -13.88 -28.48
N ALA H 45 -3.75 -13.50 -29.57
CA ALA H 45 -2.52 -14.17 -29.99
C ALA H 45 -1.32 -13.76 -29.17
N GLY H 46 -1.41 -12.70 -28.38
CA GLY H 46 -0.29 -12.24 -27.60
C GLY H 46 -0.38 -12.61 -26.13
N ALA H 47 -1.58 -12.89 -25.67
CA ALA H 47 -1.76 -13.29 -24.27
C ALA H 47 -0.97 -14.53 -23.93
N PRO H 48 -0.97 -15.58 -24.75
CA PRO H 48 -0.12 -16.74 -24.44
C PRO H 48 1.35 -16.39 -24.36
N VAL H 49 1.83 -15.53 -25.24
CA VAL H 49 3.24 -15.17 -25.23
C VAL H 49 3.59 -14.43 -23.96
N TYR H 50 2.77 -13.45 -23.59
CA TYR H 50 3.02 -12.70 -22.36
C TYR H 50 2.99 -13.62 -21.14
N LEU H 51 2.00 -14.50 -21.09
CA LEU H 51 1.88 -15.38 -19.93
C LEU H 51 3.04 -16.36 -19.84
N ALA H 52 3.43 -16.95 -20.97
CA ALA H 52 4.57 -17.86 -20.96
C ALA H 52 5.84 -17.13 -20.55
N ALA H 53 6.03 -15.91 -21.05
CA ALA H 53 7.21 -15.15 -20.64
C ALA H 53 7.21 -14.89 -19.14
N VAL H 54 6.07 -14.50 -18.60
CA VAL H 54 6.01 -14.19 -17.17
C VAL H 54 6.27 -15.44 -16.34
N LEU H 55 5.66 -16.56 -16.72
CA LEU H 55 5.87 -17.80 -15.97
C LEU H 55 7.33 -18.26 -16.07
N GLU H 56 7.91 -18.15 -17.25
CA GLU H 56 9.32 -18.51 -17.40
C GLU H 56 10.20 -17.61 -16.54
N TYR H 57 9.90 -16.32 -16.50
CA TYR H 57 10.69 -15.42 -15.67
C TYR H 57 10.58 -15.81 -14.21
N LEU H 58 9.37 -16.09 -13.73
CA LEU H 58 9.21 -16.44 -12.33
C LEU H 58 9.91 -17.75 -12.00
N THR H 59 9.82 -18.74 -12.89
CA THR H 59 10.55 -19.98 -12.67
C THR H 59 12.05 -19.75 -12.63
N ALA H 60 12.57 -18.93 -13.55
CA ALA H 60 14.00 -18.67 -13.56
C ALA H 60 14.43 -17.96 -12.28
N GLU H 61 13.62 -17.00 -11.83
CA GLU H 61 13.95 -16.25 -10.62
C GLU H 61 13.96 -17.16 -9.40
N ILE H 62 12.99 -18.06 -9.28
CA ILE H 62 12.99 -18.96 -8.14
C ILE H 62 14.14 -19.95 -8.23
N LEU H 63 14.41 -20.49 -9.42
CA LEU H 63 15.46 -21.48 -9.57
C LEU H 63 16.83 -20.89 -9.30
N GLU H 64 17.06 -19.63 -9.68
CA GLU H 64 18.37 -19.03 -9.42
C GLU H 64 18.67 -19.03 -7.94
N LEU H 65 17.73 -18.55 -7.13
CA LEU H 65 17.94 -18.49 -5.70
C LEU H 65 17.97 -19.89 -5.08
N ALA H 66 17.17 -20.82 -5.62
CA ALA H 66 17.19 -22.19 -5.10
C ALA H 66 18.53 -22.86 -5.37
N GLY H 67 19.09 -22.64 -6.56
CA GLY H 67 20.41 -23.19 -6.85
C GLY H 67 21.51 -22.52 -6.05
N ASN H 68 21.38 -21.22 -5.80
CA ASN H 68 22.32 -20.57 -4.90
C ASN H 68 22.27 -21.20 -3.52
N ALA H 69 21.05 -21.47 -3.03
CA ALA H 69 20.90 -22.10 -1.73
C ALA H 69 21.48 -23.51 -1.75
N ALA H 70 21.31 -24.22 -2.86
CA ALA H 70 21.86 -25.57 -2.97
C ALA H 70 23.38 -25.54 -2.93
N ARG H 71 23.99 -24.61 -3.67
CA ARG H 71 25.44 -24.45 -3.61
C ARG H 71 25.90 -24.12 -2.21
N ASP H 72 25.24 -23.17 -1.56
CA ASP H 72 25.61 -22.78 -0.21
C ASP H 72 25.53 -23.93 0.78
N ASN H 73 24.98 -25.08 0.37
CA ASN H 73 24.92 -26.27 1.21
C ASN H 73 25.76 -27.39 0.64
N LYS H 74 26.51 -27.14 -0.43
CA LYS H 74 27.35 -28.14 -1.09
C LYS H 74 26.52 -29.34 -1.55
N LYS H 75 25.59 -29.05 -2.46
CA LYS H 75 24.73 -30.07 -3.06
C LYS H 75 24.44 -29.70 -4.50
N THR H 76 24.36 -30.71 -5.36
CA THR H 76 24.17 -30.50 -6.78
C THR H 76 22.71 -30.48 -7.20
N ARG H 77 21.80 -30.96 -6.34
CA ARG H 77 20.40 -31.09 -6.70
C ARG H 77 19.53 -30.23 -5.79
N ILE H 78 18.59 -29.53 -6.40
CA ILE H 78 17.66 -28.68 -5.66
C ILE H 78 16.62 -29.57 -4.99
N ILE H 79 16.31 -29.28 -3.74
CA ILE H 79 15.33 -30.03 -2.97
C ILE H 79 14.38 -29.04 -2.33
N PRO H 80 13.24 -29.51 -1.80
CA PRO H 80 12.24 -28.57 -1.27
C PRO H 80 12.79 -27.63 -0.21
N ARG H 81 13.73 -28.06 0.62
CA ARG H 81 14.35 -27.16 1.57
C ARG H 81 14.96 -25.97 0.86
N HIS H 82 15.58 -26.20 -0.30
CA HIS H 82 16.24 -25.13 -1.02
C HIS H 82 15.23 -24.14 -1.58
N LEU H 83 14.11 -24.64 -2.11
CA LEU H 83 13.06 -23.74 -2.57
C LEU H 83 12.50 -22.92 -1.42
N GLN H 84 12.32 -23.55 -0.26
CA GLN H 84 11.85 -22.83 0.91
C GLN H 84 12.80 -21.70 1.27
N LEU H 85 14.09 -22.00 1.33
CA LEU H 85 15.06 -20.96 1.69
C LEU H 85 15.04 -19.83 0.68
N ALA H 86 15.04 -20.17 -0.62
CA ALA H 86 15.02 -19.15 -1.65
C ALA H 86 13.81 -18.26 -1.52
N VAL H 87 12.64 -18.86 -1.31
CA VAL H 87 11.40 -18.08 -1.25
C VAL H 87 11.38 -17.19 -0.02
N ARG H 88 11.72 -17.74 1.14
CA ARG H 88 11.57 -16.99 2.38
C ARG H 88 12.69 -16.01 2.63
N ASN H 89 13.82 -16.10 1.91
CA ASN H 89 14.87 -15.11 2.06
C ASN H 89 14.76 -13.97 1.06
N ASP H 90 13.85 -14.05 0.11
CA ASP H 90 13.57 -12.95 -0.82
C ASP H 90 12.28 -12.27 -0.39
N GLU H 91 12.35 -10.95 -0.20
CA GLU H 91 11.19 -10.22 0.29
C GLU H 91 10.01 -10.34 -0.66
N GLU H 92 10.27 -10.21 -1.96
CA GLU H 92 9.18 -10.13 -2.94
C GLU H 92 8.53 -11.48 -3.19
N LEU H 93 9.32 -12.54 -3.34
CA LEU H 93 8.73 -13.87 -3.56
C LEU H 93 7.94 -14.31 -2.33
N ASN H 94 8.47 -14.06 -1.14
CA ASN H 94 7.76 -14.46 0.07
C ASN H 94 6.39 -13.81 0.16
N LYS H 95 6.24 -12.59 -0.34
CA LYS H 95 4.93 -11.96 -0.40
C LYS H 95 4.04 -12.64 -1.42
N LEU H 96 4.60 -13.02 -2.57
CA LEU H 96 3.82 -13.68 -3.60
C LEU H 96 3.32 -15.04 -3.14
N LEU H 97 4.18 -15.81 -2.48
CA LEU H 97 3.82 -17.11 -1.94
C LEU H 97 3.61 -17.04 -0.43
N GLY H 98 3.07 -15.93 0.07
CA GLY H 98 2.91 -15.74 1.49
C GLY H 98 1.88 -16.64 2.13
N ARG H 99 0.93 -17.14 1.35
CA ARG H 99 -0.10 -18.06 1.82
C ARG H 99 0.07 -19.44 1.18
N VAL H 100 1.33 -19.86 1.00
CA VAL H 100 1.68 -21.12 0.38
C VAL H 100 2.55 -21.89 1.34
N THR H 101 2.31 -23.19 1.47
CA THR H 101 3.14 -24.08 2.27
C THR H 101 3.85 -25.06 1.34
N ILE H 102 5.17 -25.06 1.39
CA ILE H 102 6.00 -25.91 0.56
C ILE H 102 6.32 -27.18 1.34
N ALA H 103 6.01 -28.33 0.73
CA ALA H 103 6.24 -29.59 1.41
C ALA H 103 7.72 -29.83 1.63
N GLN H 104 8.06 -30.32 2.82
CA GLN H 104 9.43 -30.65 3.19
C GLN H 104 10.34 -29.44 3.15
N GLY H 105 9.78 -28.22 3.26
CA GLY H 105 10.60 -27.03 3.22
C GLY H 105 11.19 -26.63 4.55
N GLY H 106 10.59 -27.06 5.66
CA GLY H 106 11.08 -26.62 6.93
C GLY H 106 10.75 -25.16 7.16
N VAL H 107 11.52 -24.54 8.05
CA VAL H 107 11.35 -23.14 8.37
C VAL H 107 12.73 -22.48 8.43
N LEU H 108 12.76 -21.17 8.20
CA LEU H 108 14.01 -20.45 8.30
C LEU H 108 14.49 -20.46 9.76
N PRO H 109 15.78 -20.66 10.00
CA PRO H 109 16.29 -20.57 11.37
C PRO H 109 16.10 -19.17 11.92
N ASN H 110 15.39 -19.06 13.04
CA ASN H 110 15.12 -17.77 13.65
C ASN H 110 14.80 -17.97 15.13
N ILE H 111 15.59 -17.34 15.99
CA ILE H 111 15.39 -17.38 17.43
C ILE H 111 15.28 -15.95 17.93
N GLN H 112 14.26 -15.68 18.74
CA GLN H 112 14.06 -14.34 19.28
C GLN H 112 15.18 -13.99 20.26
N SER H 113 15.53 -12.71 20.28
CA SER H 113 16.72 -12.28 21.02
C SER H 113 16.59 -12.61 22.51
N VAL H 114 15.43 -12.34 23.09
CA VAL H 114 15.29 -12.45 24.54
C VAL H 114 15.41 -13.89 25.02
N LEU H 115 15.23 -14.87 24.14
CA LEU H 115 15.43 -16.26 24.52
C LEU H 115 16.89 -16.64 24.65
N LEU H 116 17.79 -15.92 23.97
CA LEU H 116 19.20 -16.21 24.05
C LEU H 116 19.72 -15.85 25.44
N PRO H 117 20.80 -16.51 25.91
CA PRO H 117 21.33 -16.25 27.25
C PRO H 117 22.11 -14.94 27.34
N THR I 29 -1.61 -42.92 -19.09
CA THR I 29 -2.05 -41.89 -20.02
C THR I 29 -1.14 -40.68 -19.93
N ARG I 30 -1.39 -39.67 -20.78
CA ARG I 30 -0.54 -38.50 -20.84
C ARG I 30 -0.93 -37.54 -19.72
N LYS I 31 -0.01 -37.32 -18.79
CA LYS I 31 -0.19 -36.41 -17.67
C LYS I 31 0.74 -35.22 -17.90
N GLU I 32 0.21 -34.15 -18.45
CA GLU I 32 1.04 -33.03 -18.84
C GLU I 32 1.62 -32.32 -17.63
N SER I 33 2.87 -31.89 -17.76
CA SER I 33 3.57 -31.21 -16.67
C SER I 33 4.55 -30.22 -17.28
N TYR I 34 4.96 -29.25 -16.47
CA TYR I 34 5.96 -28.27 -16.85
C TYR I 34 7.37 -28.73 -16.51
N ALA I 35 7.58 -30.03 -16.37
CA ALA I 35 8.90 -30.52 -15.95
C ALA I 35 9.97 -30.20 -16.99
N ILE I 36 9.69 -30.47 -18.26
CA ILE I 36 10.74 -30.29 -19.27
C ILE I 36 11.15 -28.83 -19.37
N TYR I 37 10.18 -27.92 -19.31
CA TYR I 37 10.48 -26.50 -19.44
C TYR I 37 11.20 -25.97 -18.21
N VAL I 38 10.82 -26.47 -17.03
CA VAL I 38 11.53 -26.09 -15.82
C VAL I 38 12.98 -26.57 -15.88
N TYR I 39 13.20 -27.76 -16.42
CA TYR I 39 14.56 -28.25 -16.57
C TYR I 39 15.35 -27.38 -17.54
N LYS I 40 14.72 -26.95 -18.64
CA LYS I 40 15.39 -26.05 -19.57
C LYS I 40 15.79 -24.75 -18.90
N VAL I 41 14.87 -24.15 -18.15
CA VAL I 41 15.20 -22.89 -17.47
C VAL I 41 16.32 -23.12 -16.46
N LEU I 42 16.29 -24.26 -15.77
CA LEU I 42 17.33 -24.53 -14.78
C LEU I 42 18.69 -24.66 -15.44
N LYS I 43 18.76 -25.35 -16.58
CA LYS I 43 20.03 -25.43 -17.28
C LYS I 43 20.46 -24.09 -17.86
N GLN I 44 19.52 -23.20 -18.14
CA GLN I 44 19.95 -21.85 -18.50
C GLN I 44 20.54 -21.09 -17.31
N VAL I 45 19.93 -21.21 -16.12
CA VAL I 45 20.35 -20.42 -14.97
C VAL I 45 21.52 -21.08 -14.24
N HIS I 46 21.44 -22.39 -13.97
CA HIS I 46 22.52 -23.14 -13.34
C HIS I 46 22.82 -24.35 -14.21
N PRO I 47 23.76 -24.23 -15.16
CA PRO I 47 24.01 -25.35 -16.06
C PRO I 47 24.47 -26.62 -15.38
N ASP I 48 25.00 -26.54 -14.16
CA ASP I 48 25.60 -27.68 -13.48
C ASP I 48 24.75 -28.18 -12.32
N THR I 49 23.46 -27.87 -12.29
CA THR I 49 22.60 -28.18 -11.16
C THR I 49 21.47 -29.10 -11.59
N GLY I 50 21.18 -30.09 -10.74
CA GLY I 50 20.04 -30.96 -10.94
C GLY I 50 18.89 -30.56 -10.04
N ILE I 51 17.77 -31.26 -10.21
CA ILE I 51 16.56 -30.97 -9.46
C ILE I 51 15.89 -32.29 -9.09
N SER I 52 15.43 -32.38 -7.85
CA SER I 52 14.83 -33.62 -7.37
C SER I 52 13.37 -33.71 -7.81
N SER I 53 12.80 -34.89 -7.59
CA SER I 53 11.42 -35.12 -7.98
C SER I 53 10.47 -34.21 -7.21
N LYS I 54 10.66 -34.11 -5.90
CA LYS I 54 9.79 -33.26 -5.09
C LYS I 54 9.96 -31.79 -5.45
N ALA I 55 11.20 -31.36 -5.70
CA ALA I 55 11.42 -29.99 -6.14
C ALA I 55 10.70 -29.75 -7.47
N MET I 56 10.74 -30.73 -8.36
CA MET I 56 10.06 -30.58 -9.64
C MET I 56 8.55 -30.46 -9.46
N SER I 57 7.98 -31.26 -8.56
CA SER I 57 6.55 -31.18 -8.32
C SER I 57 6.16 -29.84 -7.69
N ILE I 58 6.99 -29.34 -6.77
CA ILE I 58 6.73 -28.03 -6.19
C ILE I 58 6.78 -26.95 -7.26
N MET I 59 7.76 -27.03 -8.16
CA MET I 59 7.84 -26.04 -9.23
C MET I 59 6.64 -26.14 -10.16
N ASN I 60 6.19 -27.35 -10.45
CA ASN I 60 5.00 -27.51 -11.30
C ASN I 60 3.78 -26.89 -10.64
N SER I 61 3.61 -27.12 -9.34
CA SER I 61 2.49 -26.50 -8.62
C SER I 61 2.62 -24.98 -8.62
N PHE I 62 3.84 -24.47 -8.45
CA PHE I 62 4.03 -23.01 -8.48
C PHE I 62 3.62 -22.43 -9.82
N VAL I 63 4.05 -23.08 -10.91
CA VAL I 63 3.71 -22.59 -12.24
C VAL I 63 2.20 -22.60 -12.42
N ASN I 64 1.55 -23.69 -12.00
CA ASN I 64 0.10 -23.79 -12.18
C ASN I 64 -0.63 -22.75 -11.34
N ASP I 65 -0.16 -22.51 -10.11
CA ASP I 65 -0.81 -21.53 -9.25
C ASP I 65 -0.70 -20.13 -9.84
N VAL I 66 0.49 -19.74 -10.30
CA VAL I 66 0.64 -18.41 -10.88
C VAL I 66 -0.16 -18.29 -12.16
N PHE I 67 -0.21 -19.38 -12.96
CA PHE I 67 -1.05 -19.39 -14.14
C PHE I 67 -2.50 -19.09 -13.76
N GLU I 68 -3.01 -19.79 -12.76
CA GLU I 68 -4.40 -19.59 -12.35
C GLU I 68 -4.62 -18.18 -11.84
N ARG I 69 -3.70 -17.65 -11.04
CA ARG I 69 -3.85 -16.29 -10.53
C ARG I 69 -3.93 -15.28 -11.66
N ILE I 70 -2.96 -15.31 -12.58
CA ILE I 70 -2.92 -14.32 -13.64
C ILE I 70 -4.13 -14.46 -14.55
N ALA I 71 -4.49 -15.71 -14.89
CA ALA I 71 -5.64 -15.92 -15.77
C ALA I 71 -6.93 -15.44 -15.12
N GLY I 72 -7.10 -15.71 -13.82
CA GLY I 72 -8.30 -15.27 -13.14
C GLY I 72 -8.39 -13.76 -13.06
N GLU I 73 -7.28 -13.09 -12.75
CA GLU I 73 -7.32 -11.63 -12.72
C GLU I 73 -7.62 -11.07 -14.10
N ALA I 74 -7.03 -11.66 -15.15
CA ALA I 74 -7.32 -11.20 -16.51
C ALA I 74 -8.79 -11.38 -16.85
N SER I 75 -9.37 -12.52 -16.47
CA SER I 75 -10.78 -12.76 -16.73
C SER I 75 -11.64 -11.73 -16.00
N ARG I 76 -11.29 -11.44 -14.76
CA ARG I 76 -12.03 -10.43 -14.00
C ARG I 76 -11.94 -9.07 -14.67
N LEU I 77 -10.75 -8.69 -15.15
CA LEU I 77 -10.60 -7.41 -15.81
C LEU I 77 -11.46 -7.33 -17.07
N ALA I 78 -11.42 -8.40 -17.87
CA ALA I 78 -12.23 -8.42 -19.09
C ALA I 78 -13.71 -8.31 -18.76
N HIS I 79 -14.16 -9.03 -17.72
CA HIS I 79 -15.56 -8.94 -17.33
C HIS I 79 -15.92 -7.55 -16.84
N TYR I 80 -15.05 -6.92 -16.06
CA TYR I 80 -15.32 -5.58 -15.55
C TYR I 80 -15.46 -4.59 -16.70
N ASN I 81 -14.57 -4.67 -17.68
CA ASN I 81 -14.56 -3.71 -18.77
C ASN I 81 -15.46 -4.11 -19.92
N LYS I 82 -16.32 -5.12 -19.72
CA LYS I 82 -17.28 -5.53 -20.75
C LYS I 82 -16.56 -5.88 -22.05
N ARG I 83 -15.52 -6.69 -21.92
CA ARG I 83 -14.75 -7.18 -23.05
C ARG I 83 -14.79 -8.70 -23.05
N SER I 84 -14.83 -9.29 -24.24
CA SER I 84 -14.94 -10.72 -24.39
C SER I 84 -13.60 -11.38 -24.72
N THR I 85 -12.51 -10.62 -24.69
CA THR I 85 -11.21 -11.10 -25.15
C THR I 85 -10.12 -10.76 -24.15
N ILE I 86 -9.25 -11.73 -23.90
CA ILE I 86 -8.11 -11.57 -23.00
C ILE I 86 -6.90 -11.25 -23.87
N THR I 87 -6.59 -9.98 -24.00
CA THR I 87 -5.40 -9.54 -24.72
C THR I 87 -4.20 -9.53 -23.80
N SER I 88 -3.03 -9.30 -24.38
CA SER I 88 -1.84 -9.12 -23.56
C SER I 88 -1.96 -7.95 -22.62
N ARG I 89 -2.85 -6.99 -22.91
CA ARG I 89 -3.08 -5.89 -21.97
C ARG I 89 -3.64 -6.41 -20.66
N GLU I 90 -4.60 -7.34 -20.74
CA GLU I 90 -5.20 -7.88 -19.53
C GLU I 90 -4.18 -8.68 -18.73
N ILE I 91 -3.32 -9.43 -19.43
CA ILE I 91 -2.27 -10.17 -18.75
C ILE I 91 -1.29 -9.22 -18.08
N GLN I 92 -0.95 -8.13 -18.76
CA GLN I 92 -0.02 -7.15 -18.18
C GLN I 92 -0.60 -6.53 -16.93
N THR I 93 -1.86 -6.11 -16.97
CA THR I 93 -2.48 -5.52 -15.79
C THR I 93 -2.66 -6.55 -14.68
N ALA I 94 -2.93 -7.81 -15.03
CA ALA I 94 -3.01 -8.86 -14.01
C ALA I 94 -1.68 -9.07 -13.33
N VAL I 95 -0.59 -9.07 -14.11
CA VAL I 95 0.74 -9.19 -13.52
C VAL I 95 1.02 -8.00 -12.60
N ARG I 96 0.64 -6.80 -13.03
CA ARG I 96 0.85 -5.63 -12.18
C ARG I 96 0.07 -5.75 -10.88
N LEU I 97 -1.18 -6.19 -10.95
CA LEU I 97 -1.99 -6.32 -9.75
C LEU I 97 -1.44 -7.39 -8.83
N LEU I 98 -1.03 -8.53 -9.38
CA LEU I 98 -0.68 -9.68 -8.54
C LEU I 98 0.73 -9.55 -7.97
N LEU I 99 1.74 -9.50 -8.83
CA LEU I 99 3.12 -9.56 -8.36
C LEU I 99 3.52 -8.26 -7.66
N PRO I 100 4.41 -8.34 -6.67
CA PRO I 100 4.92 -7.11 -6.05
C PRO I 100 5.80 -6.29 -6.99
N GLY I 101 6.31 -5.16 -6.49
CA GLY I 101 6.88 -4.12 -7.32
C GLY I 101 7.94 -4.55 -8.31
N GLU I 102 9.12 -4.94 -7.81
CA GLU I 102 10.23 -5.22 -8.71
C GLU I 102 9.96 -6.44 -9.56
N LEU I 103 9.35 -7.47 -8.96
CA LEU I 103 8.94 -8.63 -9.75
C LEU I 103 7.98 -8.22 -10.85
N ALA I 104 7.03 -7.34 -10.54
CA ALA I 104 6.08 -6.90 -11.55
C ALA I 104 6.79 -6.16 -12.67
N LYS I 105 7.73 -5.29 -12.33
CA LYS I 105 8.45 -4.55 -13.36
C LYS I 105 9.18 -5.50 -14.30
N HIS I 106 9.89 -6.47 -13.72
CA HIS I 106 10.67 -7.40 -14.55
C HIS I 106 9.76 -8.29 -15.37
N ALA I 107 8.63 -8.72 -14.79
CA ALA I 107 7.69 -9.56 -15.54
C ALA I 107 7.08 -8.80 -16.70
N VAL I 108 6.72 -7.54 -16.49
CA VAL I 108 6.17 -6.75 -17.59
C VAL I 108 7.21 -6.56 -18.68
N SER I 109 8.47 -6.32 -18.29
CA SER I 109 9.52 -6.19 -19.28
C SER I 109 9.66 -7.47 -20.10
N GLU I 110 9.68 -8.62 -19.41
CA GLU I 110 9.83 -9.89 -20.12
C GLU I 110 8.66 -10.15 -21.05
N GLY I 111 7.44 -9.89 -20.59
CA GLY I 111 6.27 -10.13 -21.41
C GLY I 111 6.22 -9.23 -22.63
N THR I 112 6.50 -7.94 -22.46
CA THR I 112 6.46 -7.04 -23.60
C THR I 112 7.58 -7.37 -24.58
N LYS I 113 8.75 -7.77 -24.07
CA LYS I 113 9.82 -8.19 -24.95
C LYS I 113 9.43 -9.42 -25.75
N ALA I 114 8.79 -10.39 -25.10
CA ALA I 114 8.35 -11.59 -25.81
C ALA I 114 7.31 -11.26 -26.87
N VAL I 115 6.37 -10.38 -26.55
CA VAL I 115 5.34 -10.01 -27.52
C VAL I 115 5.97 -9.28 -28.70
N THR I 116 6.90 -8.35 -28.43
CA THR I 116 7.56 -7.64 -29.52
C THR I 116 8.28 -8.62 -30.43
N LYS I 117 9.00 -9.57 -29.85
CA LYS I 117 9.73 -10.54 -30.64
C LYS I 117 8.78 -11.42 -31.45
N TYR I 118 7.67 -11.83 -30.86
CA TYR I 118 6.71 -12.67 -31.55
C TYR I 118 6.07 -11.92 -32.72
N THR I 119 5.68 -10.67 -32.51
CA THR I 119 5.07 -9.89 -33.58
C THR I 119 6.07 -9.62 -34.70
N SER I 120 7.31 -9.31 -34.35
CA SER I 120 8.29 -9.02 -35.39
C SER I 120 8.51 -10.22 -36.30
N ALA I 121 8.57 -11.42 -35.72
CA ALA I 121 8.80 -12.63 -36.49
C ALA I 121 7.49 -13.31 -36.85
N VAL L 14 33.06 16.06 -20.02
CA VAL L 14 31.97 16.36 -19.09
C VAL L 14 31.98 15.35 -17.95
N PRO L 15 32.14 15.83 -16.71
CA PRO L 15 32.14 14.91 -15.56
C PRO L 15 30.83 14.13 -15.49
N SER L 16 30.94 12.86 -15.09
CA SER L 16 29.75 12.05 -14.84
C SER L 16 29.18 12.41 -13.47
N VAL L 17 27.98 11.88 -13.18
CA VAL L 17 27.34 12.14 -11.90
C VAL L 17 28.03 11.31 -10.84
N GLN L 18 28.46 11.97 -9.76
CA GLN L 18 29.17 11.33 -8.66
C GLN L 18 28.20 11.11 -7.51
N PHE L 19 28.00 9.84 -7.14
CA PHE L 19 27.16 9.51 -6.00
C PHE L 19 27.95 9.65 -4.70
N VAL L 20 27.31 10.23 -3.69
CA VAL L 20 27.93 10.43 -2.39
C VAL L 20 26.96 9.87 -1.36
N GLY L 21 27.25 8.66 -0.87
CA GLY L 21 26.40 8.04 0.13
C GLY L 21 26.68 8.54 1.53
N ASP L 22 25.83 8.10 2.46
CA ASP L 22 25.95 8.56 3.85
C ASP L 22 27.33 8.27 4.41
N ASP L 23 27.96 7.18 3.98
CA ASP L 23 29.30 6.83 4.42
C ASP L 23 30.38 7.68 3.74
N ASP L 24 30.04 8.43 2.70
CA ASP L 24 31.01 9.27 2.00
C ASP L 24 31.12 10.65 2.61
N VAL L 25 30.13 11.08 3.41
CA VAL L 25 30.20 12.40 4.01
C VAL L 25 31.40 12.47 4.93
N LEU L 26 32.08 13.61 4.91
CA LEU L 26 33.22 13.78 5.81
C LEU L 26 32.75 13.89 7.26
N SER L 27 31.58 14.48 7.51
CA SER L 27 31.05 14.62 8.84
C SER L 27 29.53 14.65 8.78
N HIS L 28 28.89 14.08 9.78
CA HIS L 28 27.44 14.14 9.93
C HIS L 28 27.08 15.18 10.99
N ILE L 29 26.08 16.00 10.68
CA ILE L 29 25.50 16.89 11.67
C ILE L 29 24.56 16.09 12.55
N LEU L 30 24.64 16.30 13.87
CA LEU L 30 23.81 15.57 14.82
C LEU L 30 22.90 16.54 15.56
N ASP L 31 21.85 15.97 16.16
CA ASP L 31 20.88 16.77 16.90
C ASP L 31 21.44 17.20 18.25
#